data_5MJZ
#
_entry.id   5MJZ
#
_cell.length_a   69.498
_cell.length_b   64.999
_cell.length_c   81.504
_cell.angle_alpha   90.00
_cell.angle_beta   91.29
_cell.angle_gamma   90.00
#
_symmetry.space_group_name_H-M   'P 1 21 1'
#
loop_
_entity.id
_entity.type
_entity.pdbx_description
1 polymer 'Tyrosine-protein phosphatase non-receptor type 23'
2 water water
#
_entity_poly.entity_id   1
_entity_poly.type   'polypeptide(L)'
_entity_poly.pdbx_seq_one_letter_code
;MEAVPRMPMIWLDLKEAGDFHFQPAVKKFVLKNYGENPEAYNEELKKLELLRQNAVRVPRDFEGCSVLRKYLGQLHYLQS
RVPMGSGQEAAVPVTWTEIFSGKSVAHEDIKYEQACILYNLGALHSMLGAMDKRVSEEGMKVSCTHFQCAAGAFAYLREH
FPQAYSVDMSRQILTLNVNLMLGQAQECLLEKSMLDNRKSFLVARISAQVVDYYKEACRALENPDTASLLGRIQKDWKKL
VQMKIYYFAAVAHLHMGKQAEEQQKFGERVAYFQSALDKLNEAIKLAKGQPDTVQDALRFTMDVIGGKYNSAKKDNDFIY
HEAVPALDTLQPVKGAPLVKPLPVNPTDPAVTGPDIFAKLV
;
_entity_poly.pdbx_strand_id   A,B
#
# COMPACT_ATOMS: atom_id res chain seq x y z
N MET A 1 -25.63 2.11 30.62
CA MET A 1 -25.09 1.09 29.66
C MET A 1 -23.57 1.09 29.55
N GLU A 2 -22.90 2.15 30.01
CA GLU A 2 -21.45 2.17 29.95
C GLU A 2 -20.85 1.04 30.77
N ALA A 3 -21.55 0.56 31.80
CA ALA A 3 -21.06 -0.52 32.64
C ALA A 3 -21.56 -1.90 32.22
N VAL A 4 -22.18 -2.01 31.05
CA VAL A 4 -22.71 -3.32 30.65
C VAL A 4 -21.56 -4.33 30.62
N PRO A 5 -21.76 -5.56 31.11
CA PRO A 5 -20.72 -6.58 30.92
C PRO A 5 -20.38 -6.74 29.44
N ARG A 6 -19.09 -6.94 29.18
CA ARG A 6 -18.60 -7.09 27.81
C ARG A 6 -18.97 -8.44 27.22
N MET A 7 -19.42 -8.42 25.96
CA MET A 7 -19.60 -9.64 25.19
C MET A 7 -18.25 -10.27 24.85
N PRO A 8 -18.19 -11.59 24.72
CA PRO A 8 -16.98 -12.22 24.20
C PRO A 8 -16.80 -11.89 22.71
N MET A 9 -15.55 -11.97 22.27
CA MET A 9 -15.15 -11.71 20.91
C MET A 9 -14.58 -12.99 20.29
N ILE A 10 -14.75 -13.11 18.99
CA ILE A 10 -14.20 -14.22 18.23
C ILE A 10 -12.76 -13.90 17.84
N TRP A 11 -11.89 -14.91 17.90
CA TRP A 11 -10.55 -14.80 17.34
C TRP A 11 -10.23 -16.02 16.50
N LEU A 12 -9.29 -15.86 15.58
CA LEU A 12 -8.90 -16.90 14.63
C LEU A 12 -7.59 -17.55 15.03
N ASP A 13 -7.53 -18.87 14.86
CA ASP A 13 -6.30 -19.63 15.08
C ASP A 13 -5.25 -19.28 14.05
N LEU A 14 -3.97 -19.39 14.45
CA LEU A 14 -2.88 -19.22 13.51
C LEU A 14 -2.60 -20.52 12.76
N LYS A 15 -2.17 -20.37 11.51
CA LYS A 15 -1.81 -21.52 10.69
C LYS A 15 -0.46 -22.10 11.08
N GLU A 16 -0.31 -23.41 10.87
CA GLU A 16 0.92 -24.15 11.15
C GLU A 16 1.79 -24.25 9.90
N ALA A 17 3.08 -24.02 10.07
CA ALA A 17 4.04 -23.90 8.98
C ALA A 17 4.76 -25.21 8.72
N GLY A 18 5.06 -25.45 7.45
CA GLY A 18 5.97 -26.50 7.01
C GLY A 18 7.31 -25.92 6.61
N ASP A 19 7.99 -26.60 5.69
CA ASP A 19 9.35 -26.26 5.33
C ASP A 19 9.42 -25.20 4.24
N PHE A 20 10.47 -24.38 4.29
CA PHE A 20 10.79 -23.39 3.26
C PHE A 20 12.32 -23.35 3.14
N HIS A 21 12.88 -24.25 2.32
CA HIS A 21 14.33 -24.38 2.20
C HIS A 21 14.85 -23.35 1.19
N PHE A 22 15.00 -22.11 1.65
CA PHE A 22 15.43 -21.03 0.76
C PHE A 22 16.95 -20.95 0.60
N GLN A 23 17.72 -21.45 1.56
CA GLN A 23 19.16 -21.16 1.57
C GLN A 23 19.87 -21.71 0.34
N PRO A 24 19.67 -22.96 -0.08
CA PRO A 24 20.35 -23.44 -1.29
C PRO A 24 20.06 -22.60 -2.54
N ALA A 25 18.80 -22.20 -2.73
CA ALA A 25 18.43 -21.46 -3.93
C ALA A 25 19.04 -20.06 -3.94
N VAL A 26 19.18 -19.44 -2.77
CA VAL A 26 19.82 -18.13 -2.72
C VAL A 26 21.30 -18.25 -3.03
N LYS A 27 21.93 -19.36 -2.64
CA LYS A 27 23.37 -19.51 -2.84
C LYS A 27 23.69 -19.74 -4.31
N LYS A 28 22.93 -20.63 -4.96
CA LYS A 28 23.09 -20.82 -6.41
C LYS A 28 22.91 -19.51 -7.16
N PHE A 29 21.86 -18.76 -6.82
CA PHE A 29 21.57 -17.53 -7.55
C PHE A 29 22.71 -16.53 -7.42
N VAL A 30 23.23 -16.35 -6.20
CA VAL A 30 24.33 -15.41 -5.99
C VAL A 30 25.55 -15.84 -6.79
N LEU A 31 25.79 -17.14 -6.88
CA LEU A 31 26.93 -17.65 -7.64
C LEU A 31 26.74 -17.42 -9.13
N LYS A 32 25.60 -17.84 -9.68
CA LYS A 32 25.37 -17.87 -11.12
C LYS A 32 24.97 -16.52 -11.71
N ASN A 33 24.62 -15.53 -10.87
CA ASN A 33 24.17 -14.24 -11.37
C ASN A 33 24.98 -13.06 -10.85
N TYR A 34 25.53 -13.14 -9.65
CA TYR A 34 26.42 -12.09 -9.14
C TYR A 34 27.89 -12.45 -9.28
N GLY A 35 28.20 -13.73 -9.46
CA GLY A 35 29.58 -14.16 -9.58
C GLY A 35 30.37 -14.10 -8.30
N GLU A 36 29.71 -13.96 -7.16
CA GLU A 36 30.39 -13.81 -5.88
C GLU A 36 30.43 -15.14 -5.14
N ASN A 37 31.27 -15.19 -4.11
CA ASN A 37 31.39 -16.39 -3.29
C ASN A 37 30.04 -16.73 -2.68
N PRO A 38 29.47 -17.91 -2.96
CA PRO A 38 28.11 -18.20 -2.47
C PRO A 38 27.93 -18.02 -0.97
N GLU A 39 28.99 -18.14 -0.16
CA GLU A 39 28.87 -18.09 1.29
C GLU A 39 29.25 -16.73 1.88
N ALA A 40 29.42 -15.70 1.06
CA ALA A 40 29.63 -14.35 1.58
C ALA A 40 28.38 -13.80 2.25
N TYR A 41 27.23 -14.45 2.08
CA TYR A 41 25.96 -13.97 2.61
C TYR A 41 25.36 -14.99 3.59
N ASN A 42 26.21 -15.76 4.27
CA ASN A 42 25.73 -16.77 5.21
C ASN A 42 25.19 -16.13 6.49
N GLU A 43 25.72 -14.98 6.88
CA GLU A 43 25.20 -14.30 8.07
C GLU A 43 23.85 -13.65 7.79
N GLU A 44 23.64 -13.14 6.57
CA GLU A 44 22.30 -12.71 6.18
C GLU A 44 21.34 -13.90 6.12
N LEU A 45 21.81 -15.04 5.61
CA LEU A 45 20.95 -16.22 5.54
C LEU A 45 20.66 -16.77 6.92
N LYS A 46 21.63 -16.69 7.83
CA LYS A 46 21.42 -17.16 9.19
C LYS A 46 20.40 -16.29 9.91
N LYS A 47 20.47 -14.97 9.70
CA LYS A 47 19.49 -14.09 10.34
C LYS A 47 18.07 -14.41 9.88
N LEU A 48 17.90 -14.72 8.59
CA LEU A 48 16.55 -14.97 8.07
C LEU A 48 16.00 -16.30 8.57
N GLU A 49 16.81 -17.35 8.58
CA GLU A 49 16.33 -18.64 9.05
C GLU A 49 15.97 -18.60 10.53
N LEU A 50 16.72 -17.85 11.33
CA LEU A 50 16.34 -17.64 12.72
C LEU A 50 15.03 -16.90 12.81
N LEU A 51 14.89 -15.85 12.01
CA LEU A 51 13.66 -15.05 12.01
C LEU A 51 12.46 -15.91 11.64
N ARG A 52 12.63 -16.85 10.71
CA ARG A 52 11.52 -17.71 10.33
C ARG A 52 11.09 -18.63 11.46
N GLN A 53 12.05 -19.33 12.09
CA GLN A 53 11.66 -20.21 13.19
C GLN A 53 10.99 -19.43 14.30
N ASN A 54 11.37 -18.17 14.50
CA ASN A 54 10.72 -17.35 15.51
C ASN A 54 9.29 -17.03 15.08
N ALA A 55 9.10 -16.76 13.79
CA ALA A 55 7.79 -16.36 13.28
C ALA A 55 6.82 -17.53 13.22
N VAL A 56 7.28 -18.70 12.77
CA VAL A 56 6.36 -19.84 12.63
C VAL A 56 6.00 -20.47 13.98
N ARG A 57 6.70 -20.10 15.05
CA ARG A 57 6.32 -20.49 16.42
C ARG A 57 6.23 -19.25 17.28
N VAL A 58 5.49 -18.25 16.81
CA VAL A 58 5.55 -16.91 17.36
C VAL A 58 4.92 -16.85 18.75
N PRO A 59 5.44 -16.06 19.67
CA PRO A 59 4.75 -15.85 20.95
C PRO A 59 3.43 -15.12 20.74
N ARG A 60 2.39 -15.61 21.40
CA ARG A 60 1.06 -15.03 21.27
C ARG A 60 0.88 -13.85 22.22
N ASP A 61 1.72 -12.83 21.99
CA ASP A 61 1.66 -11.58 22.70
C ASP A 61 1.88 -10.45 21.70
N PHE A 62 1.74 -9.21 22.17
CA PHE A 62 1.88 -8.07 21.26
C PHE A 62 3.26 -8.08 20.59
N GLU A 63 4.28 -8.52 21.31
CA GLU A 63 5.61 -8.66 20.73
C GLU A 63 5.59 -9.60 19.52
N GLY A 64 4.69 -10.60 19.52
CA GLY A 64 4.57 -11.48 18.38
C GLY A 64 4.25 -10.77 17.09
N CYS A 65 3.53 -9.65 17.17
CA CYS A 65 3.18 -8.93 15.96
C CYS A 65 4.42 -8.36 15.28
N SER A 66 5.36 -7.80 16.05
CA SER A 66 6.56 -7.25 15.45
C SER A 66 7.43 -8.34 14.82
N VAL A 67 7.46 -9.54 15.42
CA VAL A 67 8.19 -10.66 14.84
C VAL A 67 7.64 -11.01 13.45
N LEU A 68 6.32 -11.16 13.35
CA LEU A 68 5.69 -11.47 12.06
C LEU A 68 5.91 -10.35 11.05
N ARG A 69 5.79 -9.11 11.50
CA ARG A 69 6.01 -7.98 10.60
C ARG A 69 7.47 -7.91 10.17
N LYS A 70 8.39 -8.18 11.09
CA LYS A 70 9.81 -8.28 10.73
C LYS A 70 10.01 -9.29 9.61
N TYR A 71 9.57 -10.52 9.86
CA TYR A 71 9.81 -11.59 8.91
C TYR A 71 9.13 -11.29 7.57
N LEU A 72 7.92 -10.75 7.61
CA LEU A 72 7.21 -10.41 6.38
C LEU A 72 7.99 -9.38 5.58
N GLY A 73 8.49 -8.34 6.25
CA GLY A 73 9.25 -7.33 5.53
C GLY A 73 10.53 -7.89 4.94
N GLN A 74 11.21 -8.75 5.70
CA GLN A 74 12.48 -9.30 5.23
C GLN A 74 12.27 -10.27 4.07
N LEU A 75 11.11 -10.94 4.01
CA LEU A 75 10.79 -11.75 2.84
C LEU A 75 10.63 -10.87 1.61
N HIS A 76 10.01 -9.70 1.75
CA HIS A 76 9.91 -8.76 0.65
C HIS A 76 11.29 -8.29 0.19
N TYR A 77 12.15 -7.92 1.14
CA TYR A 77 13.50 -7.48 0.77
C TYR A 77 14.27 -8.62 0.09
N LEU A 78 14.04 -9.86 0.50
CA LEU A 78 14.69 -10.99 -0.17
C LEU A 78 14.14 -11.19 -1.59
N GLN A 79 12.82 -11.12 -1.73
CA GLN A 79 12.21 -11.33 -3.05
C GLN A 79 12.67 -10.29 -4.05
N SER A 80 12.98 -9.08 -3.59
CA SER A 80 13.33 -8.00 -4.51
C SER A 80 14.75 -8.12 -5.03
N ARG A 81 15.53 -9.06 -4.50
CA ARG A 81 16.89 -9.31 -4.95
C ARG A 81 17.11 -10.74 -5.41
N VAL A 82 16.16 -11.65 -5.16
CA VAL A 82 16.29 -13.05 -5.55
C VAL A 82 14.94 -13.55 -6.04
N PRO A 83 14.81 -13.95 -7.31
CA PRO A 83 13.47 -14.24 -7.86
C PRO A 83 12.93 -15.60 -7.42
N MET A 84 12.03 -15.62 -6.43
CA MET A 84 11.54 -16.87 -5.85
C MET A 84 10.02 -17.01 -5.95
N GLY A 85 9.38 -16.21 -6.80
CA GLY A 85 7.96 -16.32 -7.02
C GLY A 85 7.61 -17.46 -7.97
N SER A 86 6.34 -17.54 -8.30
CA SER A 86 5.85 -18.61 -9.18
C SER A 86 6.57 -18.55 -10.52
N GLY A 87 7.05 -19.72 -10.96
CA GLY A 87 7.72 -19.85 -12.24
C GLY A 87 9.12 -19.28 -12.30
N GLN A 88 9.64 -18.71 -11.21
CA GLN A 88 10.88 -17.96 -11.28
C GLN A 88 12.09 -18.86 -11.02
N GLU A 89 13.27 -18.30 -11.29
CA GLU A 89 14.50 -19.07 -11.31
C GLU A 89 14.76 -19.75 -9.97
N ALA A 90 14.75 -18.98 -8.88
CA ALA A 90 15.17 -19.47 -7.58
C ALA A 90 14.01 -19.90 -6.68
N ALA A 91 12.84 -20.20 -7.26
CA ALA A 91 11.69 -20.59 -6.46
C ALA A 91 11.87 -22.00 -5.90
N VAL A 92 11.49 -22.17 -4.64
CA VAL A 92 11.50 -23.48 -3.98
C VAL A 92 10.15 -23.78 -3.34
N PRO A 93 9.88 -25.03 -2.97
CA PRO A 93 8.60 -25.36 -2.33
C PRO A 93 8.40 -24.64 -0.99
N VAL A 94 7.18 -24.16 -0.79
CA VAL A 94 6.70 -23.61 0.48
C VAL A 94 5.50 -24.44 0.91
N THR A 95 5.51 -24.92 2.15
CA THR A 95 4.43 -25.78 2.64
C THR A 95 3.86 -25.22 3.93
N TRP A 96 2.53 -25.17 4.00
CA TRP A 96 1.80 -24.79 5.20
C TRP A 96 0.56 -25.66 5.31
N THR A 97 0.00 -25.70 6.52
CA THR A 97 -1.19 -26.49 6.77
C THR A 97 -2.44 -25.65 6.58
N GLU A 98 -3.35 -26.13 5.74
CA GLU A 98 -4.64 -25.49 5.57
C GLU A 98 -5.48 -25.76 6.82
N ILE A 99 -5.99 -24.69 7.42
CA ILE A 99 -6.39 -24.79 8.82
C ILE A 99 -7.69 -25.58 9.00
N PHE A 100 -8.59 -25.57 8.02
CA PHE A 100 -9.87 -26.24 8.22
C PHE A 100 -9.82 -27.73 7.91
N SER A 101 -8.94 -28.15 6.99
CA SER A 101 -8.80 -29.55 6.64
C SER A 101 -7.65 -30.24 7.35
N GLY A 102 -6.65 -29.48 7.82
CA GLY A 102 -5.43 -30.05 8.35
C GLY A 102 -4.49 -30.57 7.30
N LYS A 103 -4.77 -30.37 6.02
CA LYS A 103 -3.95 -30.90 4.93
C LYS A 103 -2.79 -29.98 4.62
N SER A 104 -1.63 -30.57 4.34
CA SER A 104 -0.50 -29.79 3.87
C SER A 104 -0.75 -29.31 2.45
N VAL A 105 -0.44 -28.05 2.19
CA VAL A 105 -0.58 -27.46 0.86
C VAL A 105 0.74 -26.80 0.52
N ALA A 106 1.34 -27.21 -0.61
CA ALA A 106 2.64 -26.71 -1.02
C ALA A 106 2.52 -25.89 -2.31
N HIS A 107 3.30 -24.82 -2.38
CA HIS A 107 3.48 -24.03 -3.58
C HIS A 107 4.93 -23.60 -3.68
N GLU A 108 5.49 -23.62 -4.90
CA GLU A 108 6.85 -23.15 -5.13
C GLU A 108 6.79 -21.65 -5.42
N ASP A 109 6.63 -20.88 -4.34
CA ASP A 109 6.24 -19.47 -4.47
C ASP A 109 6.47 -18.74 -3.15
N ILE A 110 7.40 -17.80 -3.12
CA ILE A 110 7.71 -17.09 -1.89
C ILE A 110 6.52 -16.27 -1.43
N LYS A 111 5.61 -15.94 -2.34
CA LYS A 111 4.44 -15.14 -1.96
C LYS A 111 3.45 -15.97 -1.16
N TYR A 112 3.44 -17.30 -1.34
CA TYR A 112 2.65 -18.18 -0.48
C TYR A 112 3.14 -18.09 0.96
N GLU A 113 4.47 -18.06 1.16
CA GLU A 113 5.02 -17.88 2.49
C GLU A 113 4.63 -16.53 3.07
N GLN A 114 4.73 -15.47 2.25
CA GLN A 114 4.30 -14.14 2.69
C GLN A 114 2.82 -14.14 3.06
N ALA A 115 2.00 -14.77 2.23
CA ALA A 115 0.56 -14.81 2.48
C ALA A 115 0.25 -15.48 3.81
N CYS A 116 0.90 -16.61 4.10
CA CYS A 116 0.59 -17.33 5.33
C CYS A 116 1.04 -16.55 6.57
N ILE A 117 2.15 -15.82 6.46
CA ILE A 117 2.61 -14.96 7.55
C ILE A 117 1.61 -13.83 7.77
N LEU A 118 1.18 -13.20 6.69
CA LEU A 118 0.21 -12.11 6.79
C LEU A 118 -1.09 -12.61 7.39
N TYR A 119 -1.54 -13.80 6.99
CA TYR A 119 -2.70 -14.42 7.61
C TYR A 119 -2.52 -14.52 9.12
N ASN A 120 -1.35 -15.01 9.56
CA ASN A 120 -1.12 -15.22 10.99
C ASN A 120 -0.99 -13.89 11.72
N LEU A 121 -0.52 -12.84 11.04
CA LEU A 121 -0.55 -11.51 11.62
C LEU A 121 -1.98 -11.04 11.88
N GLY A 122 -2.88 -11.28 10.93
CA GLY A 122 -4.28 -10.96 11.19
C GLY A 122 -4.85 -11.78 12.32
N ALA A 123 -4.56 -13.07 12.35
CA ALA A 123 -5.08 -13.95 13.38
C ALA A 123 -4.56 -13.56 14.75
N LEU A 124 -3.27 -13.26 14.85
CA LEU A 124 -2.70 -12.86 16.14
C LEU A 124 -3.34 -11.56 16.61
N HIS A 125 -3.53 -10.59 15.71
CA HIS A 125 -4.23 -9.37 16.07
C HIS A 125 -5.63 -9.66 16.59
N SER A 126 -6.35 -10.60 15.96
CA SER A 126 -7.69 -10.93 16.45
C SER A 126 -7.62 -11.51 17.86
N MET A 127 -6.60 -12.33 18.13
N MET A 127 -6.58 -12.28 18.16
CA MET A 127 -6.40 -12.86 19.48
CA MET A 127 -6.48 -12.85 19.49
C MET A 127 -6.21 -11.74 20.48
C MET A 127 -6.16 -11.79 20.53
N LEU A 128 -5.23 -10.87 20.22
CA LEU A 128 -4.91 -9.79 21.15
C LEU A 128 -6.10 -8.87 21.34
N GLY A 129 -6.86 -8.61 20.29
CA GLY A 129 -8.07 -7.83 20.45
C GLY A 129 -9.06 -8.47 21.40
N ALA A 130 -9.18 -9.79 21.33
CA ALA A 130 -10.18 -10.51 22.10
C ALA A 130 -9.76 -10.77 23.55
N MET A 131 -8.49 -10.54 23.89
CA MET A 131 -7.97 -10.87 25.21
C MET A 131 -8.23 -9.77 26.23
N ASP A 132 -8.37 -8.52 25.80
CA ASP A 132 -8.51 -7.43 26.75
C ASP A 132 -9.88 -7.48 27.43
N LYS A 133 -9.93 -6.97 28.66
CA LYS A 133 -11.20 -6.86 29.37
C LYS A 133 -12.06 -5.72 28.85
N ARG A 134 -11.46 -4.75 28.15
CA ARG A 134 -12.19 -3.65 27.50
C ARG A 134 -12.96 -2.83 28.53
N VAL A 135 -12.33 -2.53 29.66
CA VAL A 135 -12.96 -1.75 30.72
C VAL A 135 -12.31 -0.40 30.91
N SER A 136 -11.16 -0.14 30.31
CA SER A 136 -10.52 1.17 30.35
C SER A 136 -10.62 1.82 28.97
N GLU A 137 -10.46 3.14 28.94
CA GLU A 137 -10.44 3.85 27.66
C GLU A 137 -9.34 3.31 26.77
N GLU A 138 -8.17 3.05 27.34
CA GLU A 138 -7.02 2.63 26.54
C GLU A 138 -7.17 1.19 26.08
N GLY A 139 -7.75 0.33 26.92
CA GLY A 139 -8.01 -1.04 26.51
C GLY A 139 -9.06 -1.12 25.42
N MET A 140 -10.11 -0.31 25.53
CA MET A 140 -11.09 -0.25 24.46
C MET A 140 -10.47 0.24 23.16
N LYS A 141 -9.64 1.28 23.25
CA LYS A 141 -8.98 1.80 22.06
C LYS A 141 -8.02 0.78 21.45
N VAL A 142 -7.24 0.11 22.28
CA VAL A 142 -6.24 -0.84 21.78
C VAL A 142 -6.92 -2.06 21.17
N SER A 143 -8.01 -2.53 21.79
CA SER A 143 -8.75 -3.66 21.23
C SER A 143 -9.36 -3.30 19.89
N CYS A 144 -10.00 -2.14 19.81
CA CYS A 144 -10.51 -1.62 18.55
C CYS A 144 -9.42 -1.61 17.48
N THR A 145 -8.24 -1.08 17.81
CA THR A 145 -7.16 -1.03 16.84
C THR A 145 -6.71 -2.43 16.42
N HIS A 146 -6.59 -3.36 17.37
CA HIS A 146 -6.21 -4.73 17.00
C HIS A 146 -7.20 -5.33 16.02
N PHE A 147 -8.50 -5.13 16.22
CA PHE A 147 -9.47 -5.72 15.30
C PHE A 147 -9.40 -5.05 13.94
N GLN A 148 -9.20 -3.74 13.90
CA GLN A 148 -8.97 -3.06 12.62
C GLN A 148 -7.69 -3.55 11.95
N CYS A 149 -6.64 -3.85 12.74
CA CYS A 149 -5.42 -4.37 12.15
C CYS A 149 -5.63 -5.78 11.60
N ALA A 150 -6.41 -6.58 12.30
CA ALA A 150 -6.78 -7.90 11.80
C ALA A 150 -7.52 -7.81 10.47
N ALA A 151 -8.58 -7.00 10.43
CA ALA A 151 -9.24 -6.70 9.17
C ALA A 151 -8.25 -6.27 8.11
N GLY A 152 -7.31 -5.38 8.47
CA GLY A 152 -6.33 -4.90 7.51
C GLY A 152 -5.48 -6.00 6.92
N ALA A 153 -5.03 -6.94 7.76
CA ALA A 153 -4.19 -8.02 7.26
C ALA A 153 -4.96 -8.92 6.30
N PHE A 154 -6.20 -9.28 6.66
CA PHE A 154 -7.00 -10.14 5.78
C PHE A 154 -7.42 -9.42 4.51
N ALA A 155 -7.71 -8.12 4.61
CA ALA A 155 -8.01 -7.34 3.41
C ALA A 155 -6.81 -7.22 2.49
N TYR A 156 -5.63 -6.90 3.04
CA TYR A 156 -4.43 -6.83 2.21
C TYR A 156 -4.20 -8.16 1.51
N LEU A 157 -4.32 -9.26 2.26
CA LEU A 157 -4.17 -10.59 1.69
C LEU A 157 -5.12 -10.79 0.51
N ARG A 158 -6.39 -10.42 0.71
CA ARG A 158 -7.40 -10.63 -0.33
C ARG A 158 -7.07 -9.82 -1.59
N GLU A 159 -6.55 -8.60 -1.41
CA GLU A 159 -6.33 -7.70 -2.53
C GLU A 159 -5.02 -7.93 -3.27
N HIS A 160 -3.98 -8.42 -2.60
CA HIS A 160 -2.63 -8.34 -3.15
C HIS A 160 -2.01 -9.69 -3.44
N PHE A 161 -2.76 -10.78 -3.34
CA PHE A 161 -2.14 -12.08 -3.50
C PHE A 161 -2.96 -12.95 -4.43
N PRO A 162 -2.28 -13.78 -5.27
CA PRO A 162 -3.00 -14.78 -6.06
C PRO A 162 -4.06 -15.46 -5.22
N GLN A 163 -5.32 -15.23 -5.56
CA GLN A 163 -6.38 -15.69 -4.70
C GLN A 163 -6.39 -17.22 -4.64
N ALA A 164 -6.69 -17.74 -3.46
CA ALA A 164 -6.78 -19.18 -3.26
C ALA A 164 -5.44 -19.88 -3.42
N TYR A 165 -4.46 -19.53 -2.60
CA TYR A 165 -3.38 -20.46 -2.32
C TYR A 165 -3.92 -21.70 -1.60
N SER A 166 -4.93 -21.49 -0.76
CA SER A 166 -5.62 -22.58 -0.08
C SER A 166 -6.98 -22.05 0.37
N VAL A 167 -7.88 -22.97 0.69
CA VAL A 167 -9.29 -22.61 0.85
C VAL A 167 -9.56 -21.80 2.12
N ASP A 168 -8.65 -21.81 3.09
CA ASP A 168 -8.78 -20.94 4.26
C ASP A 168 -8.44 -19.49 3.95
N MET A 169 -7.92 -19.21 2.75
CA MET A 169 -7.57 -17.85 2.35
C MET A 169 -8.25 -17.48 1.04
N SER A 170 -9.39 -18.11 0.73
CA SER A 170 -10.20 -17.73 -0.41
C SER A 170 -10.81 -16.34 -0.19
N ARG A 171 -11.15 -15.66 -1.29
CA ARG A 171 -11.57 -14.27 -1.17
C ARG A 171 -12.84 -14.15 -0.32
N GLN A 172 -13.77 -15.10 -0.43
CA GLN A 172 -15.02 -14.99 0.33
C GLN A 172 -14.81 -15.26 1.81
N ILE A 173 -13.88 -16.17 2.15
CA ILE A 173 -13.57 -16.44 3.54
C ILE A 173 -12.80 -15.26 4.15
N LEU A 174 -11.85 -14.70 3.41
CA LEU A 174 -11.15 -13.53 3.91
C LEU A 174 -12.12 -12.36 4.11
N THR A 175 -13.14 -12.25 3.23
CA THR A 175 -14.10 -11.18 3.37
C THR A 175 -14.98 -11.36 4.60
N LEU A 176 -15.37 -12.60 4.88
CA LEU A 176 -16.02 -12.92 6.15
C LEU A 176 -15.14 -12.47 7.32
N ASN A 177 -13.86 -12.81 7.28
CA ASN A 177 -12.95 -12.42 8.35
C ASN A 177 -12.89 -10.91 8.50
N VAL A 178 -12.83 -10.17 7.39
CA VAL A 178 -12.75 -8.71 7.47
C VAL A 178 -14.02 -8.16 8.11
N ASN A 179 -15.19 -8.63 7.66
CA ASN A 179 -16.43 -8.08 8.16
C ASN A 179 -16.64 -8.44 9.63
N LEU A 180 -16.25 -9.64 10.03
CA LEU A 180 -16.31 -9.99 11.45
C LEU A 180 -15.38 -9.09 12.26
N MET A 181 -14.16 -8.88 11.77
CA MET A 181 -13.20 -8.07 12.51
C MET A 181 -13.65 -6.62 12.60
N LEU A 182 -14.22 -6.07 11.52
CA LEU A 182 -14.72 -4.71 11.57
C LEU A 182 -15.92 -4.62 12.49
N GLY A 183 -16.79 -5.63 12.49
CA GLY A 183 -17.89 -5.64 13.43
C GLY A 183 -17.41 -5.63 14.87
N GLN A 184 -16.36 -6.39 15.16
CA GLN A 184 -15.80 -6.40 16.51
C GLN A 184 -15.10 -5.08 16.82
N ALA A 185 -14.40 -4.49 15.84
CA ALA A 185 -13.84 -3.16 16.05
C ALA A 185 -14.92 -2.15 16.39
N GLN A 186 -16.02 -2.17 15.63
CA GLN A 186 -17.08 -1.20 15.83
C GLN A 186 -17.75 -1.41 17.19
N GLU A 187 -17.88 -2.67 17.62
CA GLU A 187 -18.40 -2.99 18.95
C GLU A 187 -17.52 -2.38 20.04
N CYS A 188 -16.20 -2.48 19.89
CA CYS A 188 -15.28 -1.84 20.84
C CYS A 188 -15.52 -0.34 20.89
N LEU A 189 -15.73 0.27 19.73
CA LEU A 189 -15.96 1.70 19.68
C LEU A 189 -17.30 2.06 20.28
N LEU A 190 -18.31 1.22 20.12
CA LEU A 190 -19.60 1.45 20.75
C LEU A 190 -19.44 1.46 22.27
N GLU A 191 -18.74 0.46 22.81
CA GLU A 191 -18.46 0.45 24.24
C GLU A 191 -17.78 1.75 24.67
N LYS A 192 -16.79 2.19 23.90
CA LYS A 192 -16.09 3.45 24.21
C LYS A 192 -17.02 4.66 24.14
N SER A 193 -17.90 4.69 23.13
CA SER A 193 -18.81 5.83 23.00
C SER A 193 -19.81 5.89 24.16
N MET A 194 -20.20 4.75 24.72
CA MET A 194 -21.07 4.77 25.89
C MET A 194 -20.31 5.20 27.14
N LEU A 195 -19.05 4.77 27.29
CA LEU A 195 -18.22 5.26 28.38
C LEU A 195 -18.00 6.76 28.26
N ASP A 196 -17.74 7.24 27.05
CA ASP A 196 -17.59 8.68 26.85
C ASP A 196 -18.91 9.43 26.89
N ASN A 197 -20.05 8.71 26.96
CA ASN A 197 -21.37 9.32 27.03
C ASN A 197 -21.63 10.25 25.83
N ARG A 198 -21.32 9.76 24.64
CA ARG A 198 -21.56 10.51 23.43
C ARG A 198 -23.06 10.72 23.24
N LYS A 199 -23.41 11.65 22.33
CA LYS A 199 -24.81 11.95 22.06
C LYS A 199 -25.58 10.69 21.73
N SER A 200 -26.77 10.58 22.32
CA SER A 200 -27.58 9.37 22.16
C SER A 200 -27.76 8.99 20.71
N PHE A 201 -28.01 9.96 19.84
CA PHE A 201 -28.22 9.66 18.42
C PHE A 201 -26.97 9.07 17.79
N LEU A 202 -25.78 9.59 18.13
CA LEU A 202 -24.56 9.03 17.58
C LEU A 202 -24.33 7.61 18.08
N VAL A 203 -24.58 7.36 19.36
CA VAL A 203 -24.44 6.01 19.89
C VAL A 203 -25.39 5.06 19.16
N ALA A 204 -26.62 5.52 18.89
CA ALA A 204 -27.55 4.68 18.14
C ALA A 204 -26.99 4.30 16.78
N ARG A 205 -26.38 5.29 16.09
CA ARG A 205 -25.85 5.04 14.75
C ARG A 205 -24.62 4.15 14.81
N ILE A 206 -23.78 4.31 15.83
CA ILE A 206 -22.63 3.42 16.00
C ILE A 206 -23.12 1.99 16.22
N SER A 207 -24.12 1.81 17.08
CA SER A 207 -24.66 0.48 17.31
C SER A 207 -25.32 -0.10 16.06
N ALA A 208 -26.03 0.74 15.30
CA ALA A 208 -26.63 0.25 14.06
C ALA A 208 -25.58 -0.28 13.10
N GLN A 209 -24.40 0.34 13.06
CA GLN A 209 -23.32 -0.15 12.21
C GLN A 209 -22.74 -1.47 12.71
N VAL A 210 -22.71 -1.69 14.03
CA VAL A 210 -22.30 -3.00 14.52
C VAL A 210 -23.21 -4.06 13.94
N VAL A 211 -24.52 -3.79 13.95
CA VAL A 211 -25.49 -4.70 13.37
C VAL A 211 -25.16 -4.96 11.89
N ASP A 212 -24.87 -3.89 11.14
CA ASP A 212 -24.64 -4.00 9.70
C ASP A 212 -23.42 -4.86 9.39
N TYR A 213 -22.30 -4.66 10.10
CA TYR A 213 -21.15 -5.53 9.90
C TYR A 213 -21.48 -6.98 10.24
N TYR A 214 -22.17 -7.21 11.35
CA TYR A 214 -22.47 -8.59 11.74
C TYR A 214 -23.49 -9.24 10.81
N LYS A 215 -24.39 -8.46 10.20
CA LYS A 215 -25.26 -9.02 9.16
C LYS A 215 -24.44 -9.50 7.95
N GLU A 216 -23.42 -8.74 7.54
CA GLU A 216 -22.56 -9.17 6.44
C GLU A 216 -21.88 -10.49 6.76
N ALA A 217 -21.33 -10.62 7.98
CA ALA A 217 -20.71 -11.87 8.40
C ALA A 217 -21.74 -12.99 8.48
N CYS A 218 -22.92 -12.70 9.02
CA CYS A 218 -23.95 -13.73 9.17
C CYS A 218 -24.39 -14.26 7.81
N ARG A 219 -24.65 -13.37 6.84
CA ARG A 219 -25.02 -13.82 5.50
C ARG A 219 -23.94 -14.71 4.91
N ALA A 220 -22.68 -14.34 5.08
CA ALA A 220 -21.60 -15.17 4.56
C ALA A 220 -21.54 -16.51 5.28
N LEU A 221 -21.88 -16.54 6.57
CA LEU A 221 -21.84 -17.79 7.32
C LEU A 221 -22.98 -18.73 6.91
N GLU A 222 -24.05 -18.18 6.35
CA GLU A 222 -25.18 -18.99 5.90
C GLU A 222 -24.92 -19.66 4.56
N ASN A 223 -23.85 -19.28 3.87
CA ASN A 223 -23.45 -19.96 2.65
C ASN A 223 -23.13 -21.42 2.95
N PRO A 224 -23.87 -22.38 2.38
CA PRO A 224 -23.58 -23.80 2.66
C PRO A 224 -22.13 -24.20 2.43
N ASP A 225 -21.47 -23.63 1.42
CA ASP A 225 -20.07 -23.99 1.15
C ASP A 225 -19.18 -23.60 2.32
N THR A 226 -19.47 -22.47 2.95
CA THR A 226 -18.68 -21.97 4.07
C THR A 226 -19.00 -22.75 5.34
N ALA A 227 -20.26 -23.08 5.54
CA ALA A 227 -20.62 -23.94 6.66
C ALA A 227 -19.91 -25.28 6.55
N SER A 228 -19.83 -25.83 5.34
CA SER A 228 -19.16 -27.11 5.13
C SER A 228 -17.66 -27.01 5.41
N LEU A 229 -17.02 -25.93 4.96
CA LEU A 229 -15.59 -25.76 5.16
C LEU A 229 -15.27 -25.57 6.64
N LEU A 230 -16.01 -24.69 7.31
CA LEU A 230 -15.76 -24.35 8.69
C LEU A 230 -16.25 -25.40 9.68
N GLY A 231 -17.23 -26.21 9.28
CA GLY A 231 -17.74 -27.23 10.19
C GLY A 231 -18.40 -26.59 11.39
N ARG A 232 -18.09 -27.10 12.59
N ARG A 232 -18.08 -27.11 12.58
CA ARG A 232 -18.76 -26.56 13.76
CA ARG A 232 -18.70 -26.60 13.80
C ARG A 232 -18.31 -25.14 14.09
C ARG A 232 -18.29 -25.17 14.11
N ILE A 233 -17.19 -24.69 13.52
CA ILE A 233 -16.80 -23.28 13.72
C ILE A 233 -17.88 -22.36 13.18
N GLN A 234 -18.52 -22.74 12.06
CA GLN A 234 -19.57 -21.89 11.50
C GLN A 234 -20.78 -21.83 12.43
N LYS A 235 -21.09 -22.95 13.09
CA LYS A 235 -22.19 -22.95 14.04
C LYS A 235 -21.89 -22.06 15.24
N ASP A 236 -20.65 -22.13 15.74
CA ASP A 236 -20.28 -21.37 16.93
C ASP A 236 -20.19 -19.88 16.62
N TRP A 237 -19.63 -19.51 15.46
CA TRP A 237 -19.60 -18.11 15.05
C TRP A 237 -21.01 -17.58 14.79
N LYS A 238 -21.82 -18.33 14.03
CA LYS A 238 -23.13 -17.85 13.64
C LYS A 238 -24.04 -17.66 14.84
N LYS A 239 -23.93 -18.53 15.84
CA LYS A 239 -24.77 -18.38 17.04
C LYS A 239 -24.46 -17.09 17.78
N LEU A 240 -23.17 -16.78 17.96
CA LEU A 240 -22.81 -15.53 18.61
C LEU A 240 -23.19 -14.33 17.75
N VAL A 241 -22.89 -14.39 16.45
CA VAL A 241 -23.10 -13.24 15.58
C VAL A 241 -24.59 -12.94 15.43
N GLN A 242 -25.41 -13.97 15.24
CA GLN A 242 -26.84 -13.73 15.07
C GLN A 242 -27.46 -13.18 16.34
N MET A 243 -27.02 -13.67 17.49
CA MET A 243 -27.47 -13.10 18.75
C MET A 243 -27.08 -11.62 18.84
N LYS A 244 -25.85 -11.28 18.45
CA LYS A 244 -25.37 -9.90 18.57
C LYS A 244 -26.11 -8.96 17.64
N ILE A 245 -26.58 -9.46 16.50
CA ILE A 245 -27.36 -8.62 15.58
C ILE A 245 -28.58 -8.06 16.29
N TYR A 246 -29.29 -8.88 17.06
CA TYR A 246 -30.47 -8.40 17.75
C TYR A 246 -30.12 -7.61 19.01
N TYR A 247 -29.04 -7.98 19.69
CA TYR A 247 -28.59 -7.23 20.86
C TYR A 247 -28.25 -5.80 20.48
N PHE A 248 -27.39 -5.61 19.46
CA PHE A 248 -26.99 -4.26 19.10
C PHE A 248 -28.09 -3.49 18.37
N ALA A 249 -29.07 -4.19 17.79
CA ALA A 249 -30.28 -3.51 17.35
C ALA A 249 -31.08 -2.98 18.53
N ALA A 250 -31.14 -3.75 19.62
CA ALA A 250 -31.79 -3.27 20.84
C ALA A 250 -31.06 -2.06 21.41
N VAL A 251 -29.72 -2.13 21.46
CA VAL A 251 -28.94 -1.01 21.98
C VAL A 251 -29.14 0.23 21.13
N ALA A 252 -29.25 0.06 19.81
CA ALA A 252 -29.51 1.19 18.93
C ALA A 252 -30.85 1.84 19.24
N HIS A 253 -31.91 1.03 19.36
CA HIS A 253 -33.23 1.60 19.58
C HIS A 253 -33.37 2.13 21.00
N LEU A 254 -32.68 1.54 21.97
CA LEU A 254 -32.59 2.15 23.29
C LEU A 254 -32.10 3.59 23.20
N HIS A 255 -31.04 3.82 22.42
CA HIS A 255 -30.49 5.16 22.32
C HIS A 255 -31.35 6.06 21.44
N MET A 256 -32.10 5.52 20.48
CA MET A 256 -33.07 6.36 19.79
C MET A 256 -34.18 6.80 20.73
N GLY A 257 -34.53 5.98 21.72
CA GLY A 257 -35.50 6.41 22.71
C GLY A 257 -34.96 7.46 23.65
N LYS A 258 -33.66 7.40 23.95
CA LYS A 258 -33.03 8.45 24.74
C LYS A 258 -32.97 9.77 23.96
N GLN A 259 -32.72 9.71 22.65
CA GLN A 259 -32.84 10.94 21.86
C GLN A 259 -34.25 11.51 21.93
N ALA A 260 -35.25 10.66 21.80
CA ALA A 260 -36.62 11.13 21.89
C ALA A 260 -36.90 11.77 23.23
N GLU A 261 -36.41 11.14 24.31
CA GLU A 261 -36.49 11.71 25.64
C GLU A 261 -35.92 13.13 25.67
N GLU A 262 -34.69 13.29 25.15
CA GLU A 262 -34.02 14.59 25.15
C GLU A 262 -34.79 15.61 24.33
N GLN A 263 -35.47 15.18 23.27
CA GLN A 263 -36.27 16.06 22.44
C GLN A 263 -37.69 16.23 22.96
N GLN A 264 -38.02 15.64 24.09
CA GLN A 264 -39.36 15.73 24.66
C GLN A 264 -40.41 15.15 23.70
N LYS A 265 -40.04 14.10 22.98
CA LYS A 265 -40.96 13.34 22.14
C LYS A 265 -41.34 12.08 22.91
N PHE A 266 -42.29 12.24 23.82
CA PHE A 266 -42.46 11.26 24.88
C PHE A 266 -43.25 10.04 24.45
N GLY A 267 -44.02 10.14 23.37
CA GLY A 267 -44.67 8.97 22.82
C GLY A 267 -43.72 8.17 21.96
N GLU A 268 -42.89 8.88 21.18
CA GLU A 268 -41.84 8.23 20.40
C GLU A 268 -40.84 7.52 21.30
N ARG A 269 -40.58 8.09 22.48
CA ARG A 269 -39.71 7.47 23.46
C ARG A 269 -40.22 6.09 23.85
N VAL A 270 -41.52 5.99 24.16
CA VAL A 270 -42.12 4.71 24.51
C VAL A 270 -41.96 3.72 23.36
N ALA A 271 -42.22 4.17 22.13
CA ALA A 271 -42.15 3.25 21.00
C ALA A 271 -40.75 2.69 20.81
N TYR A 272 -39.72 3.54 20.92
CA TYR A 272 -38.37 3.03 20.72
C TYR A 272 -37.97 2.07 21.83
N PHE A 273 -38.38 2.34 23.07
CA PHE A 273 -38.03 1.45 24.17
C PHE A 273 -38.76 0.12 24.04
N GLN A 274 -40.00 0.15 23.52
CA GLN A 274 -40.72 -1.08 23.26
C GLN A 274 -40.05 -1.89 22.17
N SER A 275 -39.60 -1.22 21.11
CA SER A 275 -38.89 -1.91 20.03
C SER A 275 -37.56 -2.46 20.53
N ALA A 276 -36.84 -1.68 21.33
CA ALA A 276 -35.61 -2.18 21.95
C ALA A 276 -35.88 -3.43 22.78
N LEU A 277 -36.96 -3.45 23.54
CA LEU A 277 -37.29 -4.62 24.36
C LEU A 277 -37.63 -5.83 23.51
N ASP A 278 -38.36 -5.62 22.40
CA ASP A 278 -38.66 -6.72 21.49
C ASP A 278 -37.39 -7.28 20.85
N LYS A 279 -36.49 -6.41 20.42
CA LYS A 279 -35.24 -6.88 19.84
C LYS A 279 -34.39 -7.60 20.87
N LEU A 280 -34.38 -7.11 22.10
CA LEU A 280 -33.60 -7.79 23.13
C LEU A 280 -34.19 -9.14 23.46
N ASN A 281 -35.52 -9.27 23.44
CA ASN A 281 -36.12 -10.56 23.75
C ASN A 281 -35.73 -11.60 22.71
N GLU A 282 -35.62 -11.21 21.44
CA GLU A 282 -35.12 -12.11 20.42
C GLU A 282 -33.65 -12.47 20.67
N ALA A 283 -32.84 -11.49 21.07
CA ALA A 283 -31.44 -11.78 21.37
C ALA A 283 -31.33 -12.79 22.51
N ILE A 284 -32.17 -12.65 23.53
CA ILE A 284 -32.12 -13.58 24.66
C ILE A 284 -32.54 -14.98 24.25
N LYS A 285 -33.52 -15.08 23.34
CA LYS A 285 -33.90 -16.38 22.79
C LYS A 285 -32.73 -16.99 22.03
N LEU A 286 -32.09 -16.20 21.17
CA LEU A 286 -30.95 -16.66 20.39
C LEU A 286 -29.73 -16.95 21.25
N ALA A 287 -29.70 -16.47 22.50
CA ALA A 287 -28.56 -16.67 23.39
C ALA A 287 -28.66 -17.94 24.20
N LYS A 288 -29.73 -18.71 24.08
CA LYS A 288 -29.86 -19.91 24.88
C LYS A 288 -28.66 -20.82 24.63
N GLY A 289 -28.04 -21.30 25.71
CA GLY A 289 -26.86 -22.11 25.61
C GLY A 289 -25.55 -21.35 25.59
N GLN A 290 -25.58 -20.03 25.40
CA GLN A 290 -24.35 -19.23 25.41
C GLN A 290 -23.79 -19.12 26.83
N PRO A 291 -22.48 -18.82 26.94
CA PRO A 291 -21.85 -18.70 28.26
C PRO A 291 -22.44 -17.58 29.09
N ASP A 292 -22.11 -17.62 30.38
CA ASP A 292 -22.62 -16.61 31.32
C ASP A 292 -22.16 -15.20 30.96
N THR A 293 -21.02 -15.04 30.28
CA THR A 293 -20.61 -13.72 29.83
C THR A 293 -21.70 -13.08 28.97
N VAL A 294 -22.23 -13.84 28.01
CA VAL A 294 -23.32 -13.34 27.17
C VAL A 294 -24.57 -13.09 28.02
N GLN A 295 -24.93 -14.04 28.88
CA GLN A 295 -26.15 -13.88 29.68
C GLN A 295 -26.04 -12.66 30.60
N ASP A 296 -24.87 -12.44 31.20
CA ASP A 296 -24.68 -11.29 32.08
C ASP A 296 -24.89 -9.98 31.35
N ALA A 297 -24.40 -9.88 30.11
CA ALA A 297 -24.64 -8.67 29.32
C ALA A 297 -26.11 -8.50 28.99
N LEU A 298 -26.78 -9.60 28.63
CA LEU A 298 -28.19 -9.50 28.29
C LEU A 298 -29.03 -9.16 29.52
N ARG A 299 -28.75 -9.82 30.67
N ARG A 299 -28.75 -9.83 30.66
CA ARG A 299 -29.50 -9.53 31.88
CA ARG A 299 -29.48 -9.55 31.90
C ARG A 299 -29.35 -8.07 32.28
C ARG A 299 -29.35 -8.08 32.28
N PHE A 300 -28.13 -7.55 32.21
CA PHE A 300 -27.90 -6.15 32.56
C PHE A 300 -28.70 -5.24 31.64
N THR A 301 -28.69 -5.52 30.35
CA THR A 301 -29.38 -4.69 29.38
C THR A 301 -30.89 -4.80 29.55
N MET A 302 -31.40 -5.98 29.90
CA MET A 302 -32.83 -6.11 30.12
C MET A 302 -33.27 -5.25 31.31
N ASP A 303 -32.48 -5.22 32.37
CA ASP A 303 -32.78 -4.34 33.50
C ASP A 303 -32.85 -2.88 33.04
N VAL A 304 -31.91 -2.46 32.20
CA VAL A 304 -31.87 -1.07 31.74
C VAL A 304 -33.09 -0.77 30.88
N ILE A 305 -33.29 -1.55 29.82
CA ILE A 305 -34.35 -1.24 28.87
C ILE A 305 -35.72 -1.46 29.49
N GLY A 306 -35.88 -2.53 30.28
CA GLY A 306 -37.15 -2.78 30.91
C GLY A 306 -37.56 -1.71 31.91
N GLY A 307 -36.58 -1.19 32.66
CA GLY A 307 -36.88 -0.09 33.57
C GLY A 307 -37.19 1.20 32.83
N LYS A 308 -36.44 1.49 31.76
CA LYS A 308 -36.69 2.69 30.98
C LYS A 308 -38.05 2.63 30.31
N TYR A 309 -38.42 1.47 29.77
CA TYR A 309 -39.71 1.32 29.12
C TYR A 309 -40.85 1.54 30.12
N ASN A 310 -40.80 0.87 31.25
CA ASN A 310 -41.89 0.97 32.22
C ASN A 310 -42.08 2.41 32.69
N SER A 311 -40.99 3.15 32.90
CA SER A 311 -41.12 4.53 33.35
C SER A 311 -41.54 5.46 32.22
N ALA A 312 -41.07 5.20 30.99
CA ALA A 312 -41.51 6.02 29.87
C ALA A 312 -43.00 5.86 29.64
N LYS A 313 -43.50 4.64 29.74
CA LYS A 313 -44.92 4.41 29.50
C LYS A 313 -45.76 4.99 30.63
N LYS A 314 -45.27 4.88 31.86
CA LYS A 314 -45.96 5.49 33.00
C LYS A 314 -46.02 7.01 32.86
N ASP A 315 -44.88 7.64 32.57
CA ASP A 315 -44.86 9.08 32.33
C ASP A 315 -45.85 9.48 31.26
N ASN A 316 -45.86 8.75 30.13
CA ASN A 316 -46.72 9.12 29.02
C ASN A 316 -48.20 8.86 29.35
N ASP A 317 -48.49 7.78 30.07
CA ASP A 317 -49.87 7.45 30.37
C ASP A 317 -50.48 8.42 31.38
N PHE A 318 -49.68 8.96 32.29
CA PHE A 318 -50.20 9.78 33.39
C PHE A 318 -49.80 11.25 33.32
N ILE A 319 -48.86 11.63 32.45
CA ILE A 319 -48.45 13.01 32.34
C ILE A 319 -48.63 13.51 30.91
N TYR A 320 -47.81 12.98 29.99
CA TYR A 320 -47.64 13.61 28.68
C TYR A 320 -48.80 13.33 27.72
N HIS A 321 -49.40 12.15 27.80
CA HIS A 321 -50.53 11.79 26.96
C HIS A 321 -50.24 12.04 25.47
N GLU A 322 -49.06 11.62 25.04
CA GLU A 322 -48.69 11.72 23.62
C GLU A 322 -48.97 10.40 22.92
N ALA A 323 -49.25 10.48 21.63
CA ALA A 323 -49.51 9.28 20.86
C ALA A 323 -48.23 8.46 20.70
N VAL A 324 -48.36 7.14 20.78
CA VAL A 324 -47.24 6.23 20.63
C VAL A 324 -47.24 5.71 19.20
N PRO A 325 -46.27 6.07 18.36
CA PRO A 325 -46.30 5.63 16.96
C PRO A 325 -46.08 4.13 16.83
N ALA A 326 -46.68 3.56 15.78
CA ALA A 326 -46.48 2.16 15.50
C ALA A 326 -45.00 1.91 15.21
N LEU A 327 -44.53 0.73 15.64
CA LEU A 327 -43.10 0.44 15.53
C LEU A 327 -42.63 0.48 14.09
N ASP A 328 -43.47 0.07 13.13
CA ASP A 328 -43.09 0.06 11.73
C ASP A 328 -43.19 1.43 11.07
N THR A 329 -43.46 2.49 11.84
CA THR A 329 -43.35 3.85 11.36
C THR A 329 -42.07 4.53 11.80
N LEU A 330 -41.29 3.89 12.66
CA LEU A 330 -40.10 4.52 13.21
C LEU A 330 -39.03 4.62 12.13
N GLN A 331 -38.35 5.76 12.10
CA GLN A 331 -37.28 5.98 11.13
C GLN A 331 -36.15 5.01 11.39
N PRO A 332 -35.71 4.22 10.41
CA PRO A 332 -34.59 3.31 10.65
C PRO A 332 -33.32 4.08 10.95
N VAL A 333 -32.41 3.43 11.67
CA VAL A 333 -31.17 4.05 12.10
C VAL A 333 -30.09 3.69 11.09
N LYS A 334 -29.49 4.69 10.47
CA LYS A 334 -28.41 4.45 9.53
C LYS A 334 -27.10 4.26 10.28
N GLY A 335 -26.41 3.16 10.00
CA GLY A 335 -25.14 2.91 10.65
C GLY A 335 -24.13 4.01 10.36
N ALA A 336 -23.26 4.25 11.34
CA ALA A 336 -22.13 5.16 11.19
C ALA A 336 -20.83 4.36 11.20
N PRO A 337 -20.24 4.06 10.03
CA PRO A 337 -18.96 3.32 10.00
C PRO A 337 -17.82 4.19 10.49
N LEU A 338 -17.22 3.81 11.60
CA LEU A 338 -16.12 4.56 12.18
C LEU A 338 -14.85 3.73 12.31
N VAL A 339 -14.82 2.55 11.69
CA VAL A 339 -13.63 1.71 11.64
C VAL A 339 -13.34 1.37 10.19
N LYS A 340 -12.12 0.89 9.94
CA LYS A 340 -11.72 0.47 8.61
C LYS A 340 -10.58 -0.52 8.75
N PRO A 341 -10.30 -1.31 7.71
CA PRO A 341 -9.10 -2.14 7.73
C PRO A 341 -7.85 -1.27 7.71
N LEU A 342 -6.93 -1.56 8.63
CA LEU A 342 -5.83 -0.63 8.83
C LEU A 342 -4.54 -1.16 8.20
N PRO A 343 -3.64 -0.25 7.83
CA PRO A 343 -2.70 -0.56 6.75
C PRO A 343 -1.78 -1.71 7.08
N VAL A 344 -1.44 -2.45 6.05
CA VAL A 344 -0.26 -3.29 6.05
C VAL A 344 0.67 -2.72 4.98
N ASN A 345 1.68 -1.95 5.41
CA ASN A 345 2.78 -1.57 4.53
C ASN A 345 3.91 -2.54 4.80
N PRO A 346 4.06 -3.61 4.01
CA PRO A 346 5.06 -4.64 4.35
C PRO A 346 6.49 -4.13 4.47
N THR A 347 6.83 -3.02 3.81
CA THR A 347 8.22 -2.57 3.74
C THR A 347 8.44 -1.22 4.40
N ASP A 348 7.69 -0.92 5.46
CA ASP A 348 7.96 0.29 6.24
C ASP A 348 9.19 0.06 7.10
N PRO A 349 10.29 0.79 6.89
CA PRO A 349 11.51 0.53 7.68
C PRO A 349 11.28 0.60 9.17
N ALA A 350 10.40 1.51 9.62
CA ALA A 350 10.13 1.64 11.05
C ALA A 350 9.62 0.35 11.67
N VAL A 351 9.16 -0.61 10.86
CA VAL A 351 8.60 -1.85 11.40
C VAL A 351 9.43 -3.05 10.96
N THR A 352 10.07 -2.98 9.78
CA THR A 352 10.86 -4.11 9.31
C THR A 352 12.22 -4.16 9.99
N GLY A 353 12.74 -3.02 10.42
CA GLY A 353 14.12 -2.93 10.84
C GLY A 353 15.02 -2.73 9.63
N PRO A 354 16.34 -2.81 9.84
CA PRO A 354 17.25 -2.68 8.70
C PRO A 354 17.08 -3.83 7.72
N ASP A 355 17.28 -3.51 6.44
CA ASP A 355 17.19 -4.51 5.38
C ASP A 355 18.33 -5.52 5.55
N ILE A 356 17.99 -6.72 6.01
CA ILE A 356 18.99 -7.79 6.17
C ILE A 356 19.88 -7.88 4.94
N PHE A 357 19.28 -7.75 3.76
CA PHE A 357 19.97 -8.07 2.51
C PHE A 357 20.49 -6.83 1.80
N ALA A 358 20.84 -5.79 2.56
CA ALA A 358 21.28 -4.54 1.97
C ALA A 358 22.57 -4.71 1.18
N LYS A 359 23.44 -5.63 1.59
CA LYS A 359 24.73 -5.80 0.94
C LYS A 359 24.65 -6.75 -0.25
N LEU A 360 23.45 -7.17 -0.64
CA LEU A 360 23.24 -7.73 -1.96
C LEU A 360 23.11 -6.58 -2.97
N VAL A 361 22.83 -6.92 -4.22
CA VAL A 361 22.68 -5.91 -5.26
C VAL A 361 21.22 -5.87 -5.71
N ALA B 3 34.99 6.89 -9.89
CA ALA B 3 35.25 8.31 -9.69
C ALA B 3 34.78 9.19 -10.87
N VAL B 4 34.05 8.63 -11.84
CA VAL B 4 33.59 9.48 -12.94
C VAL B 4 32.96 10.76 -12.42
N PRO B 5 33.11 11.87 -13.12
CA PRO B 5 32.13 12.93 -12.98
C PRO B 5 30.75 12.39 -13.33
N ARG B 6 29.74 12.88 -12.61
CA ARG B 6 28.38 12.38 -12.75
C ARG B 6 27.66 13.08 -13.90
N MET B 7 26.90 12.29 -14.66
CA MET B 7 26.08 12.86 -15.70
C MET B 7 24.88 13.60 -15.09
N PRO B 8 24.39 14.63 -15.77
CA PRO B 8 23.14 15.26 -15.33
C PRO B 8 21.95 14.35 -15.56
N MET B 9 20.87 14.64 -14.81
CA MET B 9 19.66 13.84 -14.84
C MET B 9 18.49 14.72 -15.27
N ILE B 10 17.52 14.11 -15.94
CA ILE B 10 16.30 14.80 -16.35
C ILE B 10 15.31 14.81 -15.19
N TRP B 11 14.59 15.92 -15.05
CA TRP B 11 13.47 15.97 -14.12
C TRP B 11 12.28 16.61 -14.83
N LEU B 12 11.09 16.34 -14.27
CA LEU B 12 9.84 16.83 -14.82
C LEU B 12 9.30 17.95 -13.95
N ASP B 13 8.80 19.00 -14.60
CA ASP B 13 8.15 20.10 -13.93
C ASP B 13 6.82 19.68 -13.34
N LEU B 14 6.44 20.33 -12.23
CA LEU B 14 5.12 20.12 -11.65
C LEU B 14 4.07 20.91 -12.41
N LYS B 15 2.89 20.33 -12.51
CA LYS B 15 1.75 20.97 -13.14
C LYS B 15 1.18 22.06 -12.24
N GLU B 16 0.56 23.07 -12.86
CA GLU B 16 -0.07 24.17 -12.15
C GLU B 16 -1.57 23.92 -12.02
N ALA B 17 -2.09 24.17 -10.82
CA ALA B 17 -3.48 23.88 -10.49
C ALA B 17 -4.36 25.09 -10.74
N GLY B 18 -5.59 24.83 -11.19
CA GLY B 18 -6.69 25.76 -11.15
C GLY B 18 -7.60 25.48 -9.98
N ASP B 19 -8.88 25.77 -10.15
CA ASP B 19 -9.84 25.63 -9.06
C ASP B 19 -10.34 24.20 -8.93
N PHE B 20 -10.61 23.81 -7.68
CA PHE B 20 -11.39 22.63 -7.33
C PHE B 20 -12.24 23.07 -6.13
N HIS B 21 -13.39 23.68 -6.42
CA HIS B 21 -14.21 24.28 -5.37
C HIS B 21 -15.21 23.24 -4.87
N PHE B 22 -14.70 22.35 -4.02
CA PHE B 22 -15.49 21.25 -3.48
C PHE B 22 -16.47 21.68 -2.39
N GLN B 23 -16.23 22.83 -1.75
CA GLN B 23 -17.01 23.19 -0.55
C GLN B 23 -18.50 23.25 -0.83
N PRO B 24 -19.01 24.04 -1.78
CA PRO B 24 -20.47 24.12 -1.95
C PRO B 24 -21.09 22.79 -2.31
N ALA B 25 -20.38 21.95 -3.08
CA ALA B 25 -20.94 20.66 -3.48
C ALA B 25 -21.04 19.71 -2.30
N VAL B 26 -20.04 19.71 -1.41
CA VAL B 26 -20.09 18.84 -0.24
C VAL B 26 -21.25 19.25 0.66
N LYS B 27 -21.31 20.54 1.01
CA LYS B 27 -22.39 21.05 1.86
C LYS B 27 -23.76 20.69 1.29
N LYS B 28 -23.95 20.81 -0.01
CA LYS B 28 -25.22 20.43 -0.61
C LYS B 28 -25.53 18.97 -0.35
N PHE B 29 -24.62 18.08 -0.74
CA PHE B 29 -24.82 16.64 -0.57
C PHE B 29 -25.05 16.29 0.90
N VAL B 30 -24.38 16.99 1.82
CA VAL B 30 -24.56 16.75 3.24
C VAL B 30 -26.00 17.05 3.66
N LEU B 31 -26.65 17.97 2.96
CA LEU B 31 -28.01 18.38 3.31
C LEU B 31 -29.04 17.44 2.70
N LYS B 32 -28.79 16.95 1.49
CA LYS B 32 -29.78 16.19 0.73
C LYS B 32 -29.65 14.68 0.90
N ASN B 33 -28.46 14.17 1.25
CA ASN B 33 -28.24 12.74 1.35
C ASN B 33 -27.74 12.29 2.71
N TYR B 34 -27.37 13.21 3.58
CA TYR B 34 -27.09 12.93 4.98
C TYR B 34 -28.05 13.63 5.92
N GLY B 35 -28.90 14.53 5.42
CA GLY B 35 -29.87 15.22 6.26
C GLY B 35 -29.27 15.90 7.48
N GLU B 36 -28.14 16.57 7.32
CA GLU B 36 -27.48 17.23 8.43
C GLU B 36 -27.33 18.72 8.15
N ASN B 37 -26.91 19.44 9.18
CA ASN B 37 -26.63 20.86 9.06
C ASN B 37 -25.40 21.08 8.18
N PRO B 38 -25.53 21.76 7.04
CA PRO B 38 -24.37 21.87 6.13
C PRO B 38 -23.17 22.60 6.74
N GLU B 39 -23.37 23.38 7.79
CA GLU B 39 -22.27 24.07 8.46
C GLU B 39 -21.59 23.21 9.52
N ALA B 40 -22.03 21.97 9.70
CA ALA B 40 -21.46 21.10 10.73
C ALA B 40 -20.08 20.59 10.35
N TYR B 41 -19.64 20.76 9.10
CA TYR B 41 -18.37 20.23 8.63
C TYR B 41 -17.47 21.34 8.09
N ASN B 42 -17.68 22.58 8.54
CA ASN B 42 -16.88 23.71 8.06
C ASN B 42 -15.42 23.57 8.46
N GLU B 43 -15.14 23.00 9.64
CA GLU B 43 -13.75 22.79 10.04
C GLU B 43 -13.09 21.77 9.13
N GLU B 44 -13.78 20.67 8.84
CA GLU B 44 -13.24 19.67 7.92
C GLU B 44 -12.96 20.28 6.55
N LEU B 45 -13.88 21.09 6.05
CA LEU B 45 -13.68 21.71 4.74
C LEU B 45 -12.52 22.68 4.76
N LYS B 46 -12.40 23.49 5.81
CA LYS B 46 -11.27 24.40 5.92
C LYS B 46 -9.95 23.64 5.97
N LYS B 47 -9.94 22.50 6.67
CA LYS B 47 -8.73 21.72 6.79
C LYS B 47 -8.29 21.18 5.44
N LEU B 48 -9.23 20.63 4.66
CA LEU B 48 -8.89 20.15 3.33
C LEU B 48 -8.52 21.31 2.41
N GLU B 49 -9.14 22.48 2.59
CA GLU B 49 -8.81 23.63 1.77
C GLU B 49 -7.39 24.11 2.03
N LEU B 50 -6.98 24.18 3.30
CA LEU B 50 -5.60 24.52 3.60
C LEU B 50 -4.64 23.47 3.05
N LEU B 51 -5.03 22.20 3.09
CA LEU B 51 -4.15 21.15 2.59
C LEU B 51 -3.94 21.27 1.08
N ARG B 52 -5.02 21.49 0.34
CA ARG B 52 -4.88 21.70 -1.10
C ARG B 52 -3.96 22.89 -1.40
N GLN B 53 -4.19 24.03 -0.72
CA GLN B 53 -3.38 25.21 -0.97
C GLN B 53 -1.89 24.91 -0.78
N ASN B 54 -1.56 24.17 0.28
CA ASN B 54 -0.17 23.79 0.52
C ASN B 54 0.33 22.86 -0.57
N ALA B 55 -0.50 21.90 -1.00
CA ALA B 55 -0.06 20.90 -1.96
C ALA B 55 0.15 21.51 -3.34
N VAL B 56 -0.76 22.38 -3.79
CA VAL B 56 -0.62 22.97 -5.13
C VAL B 56 0.42 24.07 -5.18
N ARG B 57 0.92 24.52 -4.03
CA ARG B 57 2.09 25.38 -3.98
C ARG B 57 3.14 24.72 -3.10
N VAL B 58 3.46 23.46 -3.39
CA VAL B 58 4.25 22.66 -2.46
C VAL B 58 5.69 23.14 -2.47
N PRO B 59 6.36 23.25 -1.32
CA PRO B 59 7.81 23.47 -1.33
C PRO B 59 8.51 22.32 -2.03
N ARG B 60 9.52 22.65 -2.82
CA ARG B 60 10.27 21.63 -3.55
C ARG B 60 11.37 21.05 -2.67
N ASP B 61 10.94 20.27 -1.68
CA ASP B 61 11.84 19.52 -0.80
C ASP B 61 11.15 18.22 -0.40
N PHE B 62 11.86 17.40 0.38
CA PHE B 62 11.34 16.06 0.66
C PHE B 62 10.05 16.12 1.48
N GLU B 63 9.93 17.07 2.39
CA GLU B 63 8.67 17.20 3.13
C GLU B 63 7.53 17.59 2.20
N GLY B 64 7.82 18.14 1.02
CA GLY B 64 6.77 18.39 0.04
C GLY B 64 6.19 17.11 -0.52
N CYS B 65 6.98 16.04 -0.56
CA CYS B 65 6.43 14.75 -0.99
C CYS B 65 5.37 14.26 -0.01
N SER B 66 5.59 14.48 1.29
CA SER B 66 4.59 14.09 2.28
C SER B 66 3.31 14.90 2.13
N VAL B 67 3.44 16.20 1.84
CA VAL B 67 2.25 17.04 1.66
C VAL B 67 1.40 16.51 0.52
N LEU B 68 2.04 16.22 -0.62
CA LEU B 68 1.31 15.67 -1.76
C LEU B 68 0.69 14.32 -1.42
N ARG B 69 1.42 13.45 -0.72
CA ARG B 69 0.86 12.15 -0.36
C ARG B 69 -0.34 12.28 0.57
N LYS B 70 -0.26 13.19 1.54
CA LYS B 70 -1.35 13.39 2.48
C LYS B 70 -2.61 13.88 1.77
N TYR B 71 -2.46 14.90 0.93
CA TYR B 71 -3.59 15.40 0.15
C TYR B 71 -4.13 14.35 -0.80
N LEU B 72 -3.25 13.60 -1.46
CA LEU B 72 -3.71 12.54 -2.36
C LEU B 72 -4.65 11.57 -1.62
N GLY B 73 -4.25 11.15 -0.43
CA GLY B 73 -5.06 10.19 0.31
C GLY B 73 -6.38 10.78 0.78
N GLN B 74 -6.34 12.02 1.29
CA GLN B 74 -7.57 12.65 1.73
C GLN B 74 -8.57 12.81 0.59
N LEU B 75 -8.10 12.96 -0.64
CA LEU B 75 -9.00 13.00 -1.78
C LEU B 75 -9.72 11.66 -1.98
N HIS B 76 -9.01 10.56 -1.72
CA HIS B 76 -9.64 9.24 -1.75
C HIS B 76 -10.71 9.12 -0.67
N TYR B 77 -10.42 9.59 0.54
CA TYR B 77 -11.40 9.56 1.61
C TYR B 77 -12.65 10.33 1.22
N LEU B 78 -12.48 11.54 0.69
CA LEU B 78 -13.62 12.36 0.33
C LEU B 78 -14.45 11.70 -0.76
N GLN B 79 -13.79 11.16 -1.79
CA GLN B 79 -14.52 10.55 -2.91
C GLN B 79 -15.33 9.35 -2.44
N SER B 80 -14.88 8.68 -1.38
CA SER B 80 -15.61 7.53 -0.87
C SER B 80 -16.84 7.93 -0.08
N ARG B 81 -16.88 9.16 0.43
CA ARG B 81 -18.01 9.66 1.21
C ARG B 81 -18.92 10.58 0.41
N VAL B 82 -18.39 11.30 -0.57
CA VAL B 82 -19.18 12.21 -1.38
C VAL B 82 -18.96 11.87 -2.86
N PRO B 83 -20.01 11.60 -3.63
CA PRO B 83 -19.81 11.20 -5.02
C PRO B 83 -19.43 12.37 -5.93
N MET B 84 -18.13 12.54 -6.17
CA MET B 84 -17.62 13.65 -6.96
C MET B 84 -16.92 13.17 -8.24
N GLY B 85 -17.13 11.91 -8.63
CA GLY B 85 -16.55 11.37 -9.84
C GLY B 85 -17.34 11.76 -11.08
N SER B 86 -16.86 11.26 -12.22
CA SER B 86 -17.47 11.61 -13.49
C SER B 86 -18.93 11.20 -13.53
N GLY B 87 -19.79 12.16 -13.87
CA GLY B 87 -21.21 11.90 -13.96
C GLY B 87 -21.92 11.70 -12.64
N GLN B 88 -21.27 12.05 -11.53
CA GLN B 88 -21.84 11.80 -10.21
C GLN B 88 -22.43 13.08 -9.64
N GLU B 89 -23.24 12.89 -8.59
CA GLU B 89 -24.16 13.93 -8.14
C GLU B 89 -23.42 15.17 -7.67
N ALA B 90 -22.38 15.00 -6.85
CA ALA B 90 -21.70 16.11 -6.21
C ALA B 90 -20.41 16.52 -6.92
N ALA B 91 -20.25 16.13 -8.19
CA ALA B 91 -19.05 16.45 -8.93
C ALA B 91 -18.98 17.94 -9.25
N VAL B 92 -17.79 18.52 -9.14
CA VAL B 92 -17.58 19.91 -9.53
C VAL B 92 -16.40 19.96 -10.50
N PRO B 93 -16.26 21.06 -11.24
CA PRO B 93 -15.13 21.18 -12.16
C PRO B 93 -13.80 21.15 -11.42
N VAL B 94 -12.83 20.49 -12.05
CA VAL B 94 -11.43 20.47 -11.63
C VAL B 94 -10.61 21.00 -12.79
N THR B 95 -9.78 22.00 -12.55
CA THR B 95 -9.00 22.61 -13.61
C THR B 95 -7.51 22.57 -13.28
N TRP B 96 -6.72 22.11 -14.24
CA TRP B 96 -5.27 22.11 -14.16
C TRP B 96 -4.71 22.47 -15.54
N THR B 97 -3.47 22.95 -15.54
CA THR B 97 -2.81 23.30 -16.79
C THR B 97 -2.02 22.10 -17.32
N GLU B 98 -2.27 21.75 -18.58
CA GLU B 98 -1.48 20.72 -19.26
C GLU B 98 -0.06 21.27 -19.49
N ILE B 99 0.93 20.58 -18.94
CA ILE B 99 2.24 21.21 -18.75
C ILE B 99 2.95 21.50 -20.07
N PHE B 100 2.72 20.70 -21.10
CA PHE B 100 3.52 20.89 -22.30
C PHE B 100 2.93 21.92 -23.25
N SER B 101 1.59 21.93 -23.40
CA SER B 101 0.93 22.91 -24.24
C SER B 101 0.64 24.21 -23.51
N GLY B 102 0.52 24.16 -22.19
CA GLY B 102 0.08 25.31 -21.43
C GLY B 102 -1.41 25.58 -21.48
N LYS B 103 -2.22 24.63 -21.96
CA LYS B 103 -3.67 24.82 -22.04
C LYS B 103 -4.35 24.40 -20.75
N SER B 104 -5.39 25.14 -20.37
CA SER B 104 -6.25 24.74 -19.27
C SER B 104 -7.10 23.55 -19.69
N VAL B 105 -7.19 22.55 -18.82
CA VAL B 105 -7.99 21.36 -19.05
C VAL B 105 -8.85 21.13 -17.83
N ALA B 106 -10.17 21.12 -18.03
CA ALA B 106 -11.13 20.96 -16.95
C ALA B 106 -11.85 19.63 -17.09
N HIS B 107 -12.11 19.00 -15.95
CA HIS B 107 -12.95 17.81 -15.88
C HIS B 107 -13.75 17.90 -14.59
N GLU B 108 -15.05 17.57 -14.67
CA GLU B 108 -15.89 17.52 -13.48
C GLU B 108 -15.75 16.12 -12.89
N ASP B 109 -14.63 15.90 -12.20
CA ASP B 109 -14.22 14.56 -11.80
C ASP B 109 -13.10 14.65 -10.78
N ILE B 110 -13.37 14.23 -9.54
CA ILE B 110 -12.37 14.31 -8.49
C ILE B 110 -11.16 13.44 -8.80
N LYS B 111 -11.33 12.40 -9.62
CA LYS B 111 -10.19 11.57 -9.97
C LYS B 111 -9.17 12.34 -10.81
N TYR B 112 -9.60 13.40 -11.49
CA TYR B 112 -8.68 14.27 -12.21
C TYR B 112 -7.79 15.04 -11.25
N GLU B 113 -8.36 15.59 -10.18
CA GLU B 113 -7.54 16.20 -9.13
C GLU B 113 -6.54 15.18 -8.59
N GLN B 114 -7.01 13.97 -8.25
CA GLN B 114 -6.11 12.93 -7.75
C GLN B 114 -4.99 12.66 -8.73
N ALA B 115 -5.32 12.50 -10.02
CA ALA B 115 -4.33 12.21 -11.03
C ALA B 115 -3.24 13.27 -11.09
N CYS B 116 -3.65 14.55 -11.01
CA CYS B 116 -2.69 15.64 -11.12
C CYS B 116 -1.78 15.69 -9.91
N ILE B 117 -2.33 15.44 -8.73
CA ILE B 117 -1.52 15.44 -7.51
C ILE B 117 -0.50 14.31 -7.57
N LEU B 118 -0.95 13.12 -7.98
CA LEU B 118 -0.03 11.99 -8.13
C LEU B 118 1.05 12.29 -9.16
N TYR B 119 0.69 12.93 -10.28
CA TYR B 119 1.69 13.35 -11.25
C TYR B 119 2.74 14.23 -10.58
N ASN B 120 2.30 15.21 -9.79
CA ASN B 120 3.24 16.14 -9.18
C ASN B 120 4.09 15.48 -8.11
N LEU B 121 3.57 14.44 -7.47
CA LEU B 121 4.42 13.64 -6.58
C LEU B 121 5.55 12.99 -7.36
N GLY B 122 5.23 12.41 -8.51
CA GLY B 122 6.28 11.85 -9.35
C GLY B 122 7.23 12.91 -9.86
N ALA B 123 6.69 14.05 -10.28
CA ALA B 123 7.55 15.13 -10.76
C ALA B 123 8.48 15.62 -9.67
N LEU B 124 7.96 15.80 -8.45
CA LEU B 124 8.78 16.31 -7.35
C LEU B 124 9.87 15.32 -6.98
N HIS B 125 9.54 14.02 -6.97
CA HIS B 125 10.56 12.99 -6.77
C HIS B 125 11.64 13.06 -7.85
N SER B 126 11.26 13.23 -9.11
CA SER B 126 12.26 13.32 -10.17
C SER B 126 13.17 14.52 -9.94
N MET B 127 12.60 15.63 -9.46
CA MET B 127 13.37 16.83 -9.19
C MET B 127 14.38 16.61 -8.08
N LEU B 128 13.92 16.04 -6.96
CA LEU B 128 14.80 15.83 -5.83
C LEU B 128 15.93 14.87 -6.17
N GLY B 129 15.62 13.84 -6.97
CA GLY B 129 16.67 12.92 -7.39
C GLY B 129 17.68 13.59 -8.30
N ALA B 130 17.21 14.45 -9.22
CA ALA B 130 18.09 15.07 -10.21
C ALA B 130 18.93 16.19 -9.64
N MET B 131 18.58 16.73 -8.47
CA MET B 131 19.33 17.84 -7.90
C MET B 131 20.54 17.39 -7.10
N ASP B 132 20.55 16.15 -6.62
CA ASP B 132 21.69 15.68 -5.85
C ASP B 132 22.93 15.51 -6.74
N LYS B 133 24.10 15.68 -6.13
CA LYS B 133 25.36 15.53 -6.86
C LYS B 133 25.83 14.08 -6.93
N ARG B 134 25.29 13.20 -6.09
CA ARG B 134 25.45 11.75 -6.22
C ARG B 134 26.91 11.32 -6.01
N VAL B 135 27.58 11.92 -5.02
CA VAL B 135 28.96 11.58 -4.71
C VAL B 135 29.07 10.75 -3.44
N SER B 136 28.25 11.05 -2.43
CA SER B 136 28.24 10.24 -1.23
C SER B 136 27.47 8.94 -1.48
N GLU B 137 27.78 7.93 -0.66
CA GLU B 137 26.98 6.70 -0.65
C GLU B 137 25.50 7.04 -0.54
N GLU B 138 25.14 7.73 0.55
CA GLU B 138 23.75 8.10 0.81
C GLU B 138 23.21 9.02 -0.28
N GLY B 139 24.06 9.84 -0.90
CA GLY B 139 23.59 10.72 -1.97
C GLY B 139 23.12 9.95 -3.18
N MET B 140 23.88 8.94 -3.60
CA MET B 140 23.48 8.12 -4.73
C MET B 140 22.35 7.18 -4.36
N LYS B 141 22.28 6.79 -3.09
CA LYS B 141 21.19 5.95 -2.62
C LYS B 141 19.88 6.72 -2.60
N VAL B 142 19.90 7.98 -2.16
CA VAL B 142 18.65 8.75 -2.06
C VAL B 142 18.16 9.15 -3.45
N SER B 143 19.09 9.48 -4.37
CA SER B 143 18.69 9.78 -5.73
C SER B 143 18.05 8.56 -6.39
N CYS B 144 18.66 7.38 -6.22
CA CYS B 144 18.09 6.16 -6.76
C CYS B 144 16.66 5.94 -6.24
N THR B 145 16.45 6.12 -4.94
CA THR B 145 15.12 5.93 -4.35
C THR B 145 14.14 6.97 -4.90
N HIS B 146 14.57 8.22 -5.03
CA HIS B 146 13.71 9.25 -5.60
C HIS B 146 13.26 8.86 -7.01
N PHE B 147 14.19 8.43 -7.85
CA PHE B 147 13.83 8.07 -9.22
C PHE B 147 12.90 6.87 -9.22
N GLN B 148 13.11 5.92 -8.30
CA GLN B 148 12.18 4.79 -8.22
C GLN B 148 10.82 5.22 -7.69
N CYS B 149 10.79 6.19 -6.80
CA CYS B 149 9.51 6.71 -6.33
C CYS B 149 8.79 7.46 -7.44
N ALA B 150 9.54 8.20 -8.25
CA ALA B 150 8.94 8.88 -9.40
C ALA B 150 8.36 7.87 -10.37
N ALA B 151 9.12 6.81 -10.69
CA ALA B 151 8.61 5.77 -11.55
C ALA B 151 7.34 5.13 -10.98
N GLY B 152 7.32 4.91 -9.67
CA GLY B 152 6.14 4.31 -9.05
C GLY B 152 4.91 5.21 -9.14
N ALA B 153 5.10 6.52 -8.95
CA ALA B 153 4.00 7.44 -9.08
C ALA B 153 3.42 7.43 -10.49
N PHE B 154 4.28 7.51 -11.51
CA PHE B 154 3.79 7.52 -12.88
C PHE B 154 3.19 6.17 -13.26
N ALA B 155 3.75 5.07 -12.75
CA ALA B 155 3.20 3.76 -13.06
C ALA B 155 1.82 3.59 -12.45
N TYR B 156 1.66 4.00 -11.19
CA TYR B 156 0.35 3.91 -10.54
C TYR B 156 -0.67 4.76 -11.29
N LEU B 157 -0.28 5.98 -11.64
CA LEU B 157 -1.13 6.86 -12.43
C LEU B 157 -1.54 6.17 -13.73
N ARG B 158 -0.58 5.58 -14.42
CA ARG B 158 -0.88 4.89 -15.68
C ARG B 158 -1.86 3.75 -15.48
N GLU B 159 -1.78 3.07 -14.32
CA GLU B 159 -2.59 1.88 -14.10
C GLU B 159 -4.00 2.23 -13.66
N HIS B 160 -4.10 3.07 -12.64
CA HIS B 160 -5.37 3.30 -11.97
C HIS B 160 -6.15 4.48 -12.52
N PHE B 161 -5.59 5.26 -13.43
CA PHE B 161 -6.28 6.39 -14.07
C PHE B 161 -6.06 6.34 -15.57
N PRO B 162 -6.59 5.31 -16.25
CA PRO B 162 -6.32 5.15 -17.68
C PRO B 162 -7.06 6.12 -18.59
N GLN B 163 -7.96 6.94 -18.05
CA GLN B 163 -8.77 7.82 -18.88
C GLN B 163 -7.94 8.84 -19.65
N ALA B 164 -6.68 9.04 -19.27
CA ALA B 164 -5.84 10.06 -19.89
C ALA B 164 -6.58 11.40 -19.93
N TYR B 165 -6.68 11.99 -18.74
CA TYR B 165 -7.39 13.25 -18.58
C TYR B 165 -6.77 14.37 -19.41
N SER B 166 -5.46 14.32 -19.62
CA SER B 166 -4.77 15.25 -20.49
C SER B 166 -3.56 14.54 -21.08
N VAL B 167 -3.01 15.13 -22.14
CA VAL B 167 -2.00 14.45 -22.94
C VAL B 167 -0.66 14.34 -22.23
N ASP B 168 -0.40 15.16 -21.22
CA ASP B 168 0.81 14.98 -20.42
C ASP B 168 0.71 13.76 -19.50
N MET B 169 -0.45 13.11 -19.45
CA MET B 169 -0.69 11.97 -18.60
C MET B 169 -1.26 10.80 -19.40
N SER B 170 -0.97 10.78 -20.70
CA SER B 170 -1.42 9.67 -21.54
C SER B 170 -0.60 8.42 -21.26
N ARG B 171 -1.13 7.27 -21.68
CA ARG B 171 -0.43 6.02 -21.43
C ARG B 171 0.98 6.05 -22.02
N GLN B 172 1.10 6.47 -23.28
CA GLN B 172 2.42 6.48 -23.94
C GLN B 172 3.39 7.40 -23.21
N ILE B 173 2.94 8.60 -22.82
CA ILE B 173 3.81 9.55 -22.15
C ILE B 173 4.22 9.03 -20.77
N LEU B 174 3.26 8.47 -20.02
CA LEU B 174 3.60 7.97 -18.70
C LEU B 174 4.58 6.80 -18.78
N THR B 175 4.50 5.98 -19.82
CA THR B 175 5.49 4.91 -20.01
C THR B 175 6.88 5.49 -20.27
N LEU B 176 6.97 6.52 -21.12
CA LEU B 176 8.24 7.23 -21.28
C LEU B 176 8.77 7.69 -19.92
N ASN B 177 7.91 8.29 -19.10
CA ASN B 177 8.35 8.76 -17.80
C ASN B 177 8.85 7.62 -16.93
N VAL B 178 8.12 6.51 -16.90
CA VAL B 178 8.53 5.37 -16.08
C VAL B 178 9.91 4.88 -16.52
N ASN B 179 10.11 4.72 -17.83
CA ASN B 179 11.38 4.17 -18.33
C ASN B 179 12.53 5.13 -18.11
N LEU B 180 12.28 6.42 -18.29
CA LEU B 180 13.31 7.41 -18.00
C LEU B 180 13.69 7.39 -16.52
N MET B 181 12.69 7.35 -15.63
CA MET B 181 12.99 7.33 -14.20
C MET B 181 13.71 6.04 -13.81
N LEU B 182 13.30 4.90 -14.35
CA LEU B 182 14.00 3.65 -14.06
C LEU B 182 15.41 3.67 -14.64
N GLY B 183 15.58 4.20 -15.85
CA GLY B 183 16.93 4.36 -16.38
C GLY B 183 17.82 5.17 -15.46
N GLN B 184 17.29 6.27 -14.93
CA GLN B 184 18.10 7.12 -14.06
C GLN B 184 18.33 6.44 -12.71
N ALA B 185 17.36 5.68 -12.20
CA ALA B 185 17.59 4.93 -10.97
C ALA B 185 18.68 3.88 -11.18
N GLN B 186 18.61 3.16 -12.30
CA GLN B 186 19.63 2.18 -12.62
C GLN B 186 21.00 2.83 -12.80
N GLU B 187 21.03 4.03 -13.40
CA GLU B 187 22.29 4.75 -13.54
C GLU B 187 22.90 5.06 -12.17
N CYS B 188 22.06 5.43 -11.20
CA CYS B 188 22.53 5.66 -9.85
C CYS B 188 23.09 4.38 -9.23
N LEU B 189 22.44 3.25 -9.46
CA LEU B 189 22.96 2.00 -8.91
C LEU B 189 24.20 1.52 -9.64
N LEU B 190 24.39 1.92 -10.90
CA LEU B 190 25.63 1.64 -11.59
C LEU B 190 26.79 2.37 -10.94
N GLU B 191 26.61 3.67 -10.68
CA GLU B 191 27.63 4.44 -9.98
C GLU B 191 27.95 3.82 -8.62
N LYS B 192 26.93 3.37 -7.90
CA LYS B 192 27.15 2.73 -6.59
C LYS B 192 27.86 1.39 -6.74
N SER B 193 27.49 0.61 -7.74
CA SER B 193 28.12 -0.69 -7.94
C SER B 193 29.60 -0.54 -8.25
N MET B 194 29.99 0.57 -8.88
CA MET B 194 31.41 0.79 -9.14
C MET B 194 32.13 1.25 -7.87
N LEU B 195 31.48 2.08 -7.06
CA LEU B 195 32.08 2.45 -5.78
C LEU B 195 32.20 1.25 -4.85
N ASP B 196 31.18 0.39 -4.83
CA ASP B 196 31.24 -0.83 -4.02
C ASP B 196 32.19 -1.86 -4.61
N ASN B 197 32.72 -1.64 -5.81
CA ASN B 197 33.72 -2.51 -6.41
C ASN B 197 33.16 -3.90 -6.68
N ARG B 198 31.93 -3.97 -7.19
CA ARG B 198 31.35 -5.23 -7.60
C ARG B 198 32.17 -5.85 -8.74
N LYS B 199 31.93 -7.14 -8.97
CA LYS B 199 32.63 -7.86 -10.04
C LYS B 199 32.35 -7.20 -11.39
N SER B 200 33.39 -7.14 -12.22
CA SER B 200 33.29 -6.48 -13.53
C SER B 200 32.10 -6.99 -14.32
N PHE B 201 31.89 -8.32 -14.32
CA PHE B 201 30.79 -8.94 -15.04
C PHE B 201 29.45 -8.35 -14.63
N LEU B 202 29.26 -8.10 -13.34
CA LEU B 202 27.98 -7.60 -12.88
C LEU B 202 27.83 -6.12 -13.19
N VAL B 203 28.90 -5.34 -13.03
CA VAL B 203 28.85 -3.93 -13.43
C VAL B 203 28.46 -3.82 -14.89
N ALA B 204 29.02 -4.67 -15.75
CA ALA B 204 28.67 -4.68 -17.16
C ALA B 204 27.17 -4.92 -17.35
N ARG B 205 26.60 -5.85 -16.59
CA ARG B 205 25.18 -6.16 -16.73
C ARG B 205 24.31 -5.02 -16.21
N ILE B 206 24.75 -4.38 -15.13
CA ILE B 206 24.01 -3.23 -14.60
C ILE B 206 24.03 -2.09 -15.62
N SER B 207 25.18 -1.85 -16.26
CA SER B 207 25.26 -0.80 -17.27
C SER B 207 24.44 -1.15 -18.50
N ALA B 208 24.45 -2.43 -18.90
CA ALA B 208 23.62 -2.85 -20.03
C ALA B 208 22.14 -2.59 -19.78
N GLN B 209 21.70 -2.68 -18.53
CA GLN B 209 20.29 -2.43 -18.25
C GLN B 209 19.97 -0.94 -18.26
N VAL B 210 20.92 -0.09 -17.89
CA VAL B 210 20.76 1.34 -18.13
C VAL B 210 20.48 1.60 -19.60
N VAL B 211 21.28 0.98 -20.47
CA VAL B 211 21.09 1.14 -21.91
C VAL B 211 19.69 0.72 -22.30
N ASP B 212 19.22 -0.41 -21.78
CA ASP B 212 17.92 -0.93 -22.16
C ASP B 212 16.81 0.05 -21.80
N TYR B 213 16.84 0.58 -20.57
CA TYR B 213 15.83 1.56 -20.17
C TYR B 213 15.85 2.79 -21.08
N TYR B 214 17.04 3.31 -21.35
CA TYR B 214 17.12 4.52 -22.18
C TYR B 214 16.70 4.25 -23.62
N LYS B 215 16.95 3.03 -24.13
CA LYS B 215 16.46 2.70 -25.47
C LYS B 215 14.94 2.68 -25.49
N GLU B 216 14.31 2.18 -24.43
CA GLU B 216 12.85 2.23 -24.35
C GLU B 216 12.36 3.68 -24.32
N ALA B 217 13.04 4.52 -23.54
CA ALA B 217 12.67 5.94 -23.50
C ALA B 217 12.85 6.58 -24.87
N CYS B 218 13.98 6.32 -25.51
CA CYS B 218 14.28 6.95 -26.79
C CYS B 218 13.28 6.55 -27.85
N ARG B 219 12.86 5.28 -27.86
CA ARG B 219 11.80 4.83 -28.76
C ARG B 219 10.54 5.68 -28.61
N ALA B 220 10.12 5.90 -27.37
CA ALA B 220 8.90 6.68 -27.14
C ALA B 220 9.08 8.14 -27.57
N LEU B 221 10.29 8.68 -27.39
CA LEU B 221 10.55 10.05 -27.82
C LEU B 221 10.52 10.19 -29.33
N GLU B 222 10.68 9.09 -30.07
CA GLU B 222 10.66 9.12 -31.52
C GLU B 222 9.25 9.12 -32.10
N ASN B 223 8.23 8.84 -31.28
CA ASN B 223 6.84 8.89 -31.74
C ASN B 223 6.47 10.32 -32.14
N PRO B 224 5.97 10.54 -33.37
CA PRO B 224 5.68 11.91 -33.81
C PRO B 224 4.72 12.70 -32.92
N ASP B 225 3.65 12.06 -32.44
CA ASP B 225 2.70 12.80 -31.60
C ASP B 225 3.30 13.17 -30.26
N THR B 226 4.16 12.33 -29.71
CA THR B 226 4.88 12.70 -28.49
C THR B 226 5.88 13.82 -28.79
N ALA B 227 6.56 13.74 -29.92
CA ALA B 227 7.46 14.81 -30.31
C ALA B 227 6.70 16.10 -30.56
N SER B 228 5.52 16.00 -31.18
CA SER B 228 4.71 17.20 -31.41
C SER B 228 4.28 17.84 -30.10
N LEU B 229 3.87 17.01 -29.13
CA LEU B 229 3.41 17.53 -27.85
C LEU B 229 4.55 18.19 -27.07
N LEU B 230 5.66 17.47 -26.89
CA LEU B 230 6.74 17.94 -26.04
C LEU B 230 7.44 19.18 -26.60
N GLY B 231 7.38 19.42 -27.90
CA GLY B 231 8.12 20.55 -28.45
C GLY B 231 9.61 20.29 -28.36
N ARG B 232 10.37 21.32 -27.94
CA ARG B 232 11.82 21.15 -27.89
C ARG B 232 12.28 20.33 -26.69
N ILE B 233 11.40 20.05 -25.73
CA ILE B 233 11.75 19.12 -24.65
C ILE B 233 12.08 17.74 -25.24
N GLN B 234 11.38 17.34 -26.30
CA GLN B 234 11.68 16.07 -26.94
C GLN B 234 13.10 16.07 -27.49
N LYS B 235 13.50 17.16 -28.16
CA LYS B 235 14.86 17.30 -28.65
C LYS B 235 15.87 17.28 -27.50
N ASP B 236 15.60 18.04 -26.44
CA ASP B 236 16.53 18.12 -25.33
C ASP B 236 16.68 16.77 -24.62
N TRP B 237 15.57 16.11 -24.32
CA TRP B 237 15.63 14.80 -23.68
C TRP B 237 16.32 13.79 -24.59
N LYS B 238 15.89 13.73 -25.85
CA LYS B 238 16.42 12.72 -26.75
C LYS B 238 17.93 12.86 -26.92
N LYS B 239 18.42 14.10 -26.93
CA LYS B 239 19.86 14.31 -27.11
C LYS B 239 20.64 13.73 -25.94
N LEU B 240 20.18 13.98 -24.72
CA LEU B 240 20.85 13.42 -23.56
C LEU B 240 20.70 11.90 -23.51
N VAL B 241 19.50 11.41 -23.78
CA VAL B 241 19.22 9.98 -23.65
C VAL B 241 19.98 9.20 -24.73
N GLN B 242 19.97 9.70 -25.96
CA GLN B 242 20.66 9.00 -27.03
C GLN B 242 22.17 8.96 -26.77
N MET B 243 22.72 10.06 -26.26
CA MET B 243 24.12 10.08 -25.87
C MET B 243 24.39 9.05 -24.77
N LYS B 244 23.52 9.01 -23.76
CA LYS B 244 23.69 8.07 -22.66
C LYS B 244 23.58 6.62 -23.11
N ILE B 245 22.79 6.34 -24.14
CA ILE B 245 22.71 4.98 -24.68
C ILE B 245 24.09 4.50 -25.07
N TYR B 246 24.83 5.34 -25.80
CA TYR B 246 26.16 4.96 -26.26
C TYR B 246 27.19 5.06 -25.14
N TYR B 247 27.04 6.03 -24.24
CA TYR B 247 27.94 6.12 -23.09
C TYR B 247 27.89 4.83 -22.26
N PHE B 248 26.69 4.39 -21.89
CA PHE B 248 26.60 3.24 -20.99
C PHE B 248 26.79 1.92 -21.73
N ALA B 249 26.61 1.89 -23.06
CA ALA B 249 27.09 0.76 -23.83
C ALA B 249 28.60 0.65 -23.75
N ALA B 250 29.30 1.79 -23.78
CA ALA B 250 30.75 1.79 -23.66
C ALA B 250 31.20 1.34 -22.28
N VAL B 251 30.51 1.79 -21.23
CA VAL B 251 30.85 1.36 -19.87
C VAL B 251 30.62 -0.14 -19.71
N ALA B 252 29.54 -0.65 -20.32
CA ALA B 252 29.29 -2.09 -20.28
C ALA B 252 30.46 -2.85 -20.87
N HIS B 253 30.89 -2.47 -22.08
CA HIS B 253 31.94 -3.23 -22.74
C HIS B 253 33.30 -2.94 -22.13
N LEU B 254 33.52 -1.76 -21.56
CA LEU B 254 34.70 -1.56 -20.72
C LEU B 254 34.78 -2.64 -19.65
N HIS B 255 33.67 -2.94 -18.99
CA HIS B 255 33.72 -3.89 -17.90
C HIS B 255 33.71 -5.32 -18.40
N MET B 256 33.17 -5.58 -19.59
CA MET B 256 33.34 -6.90 -20.17
C MET B 256 34.80 -7.16 -20.54
N GLY B 257 35.52 -6.11 -20.91
CA GLY B 257 36.93 -6.27 -21.21
C GLY B 257 37.75 -6.50 -19.96
N LYS B 258 37.35 -5.88 -18.86
CA LYS B 258 38.00 -6.15 -17.59
C LYS B 258 37.76 -7.59 -17.15
N GLN B 259 36.58 -8.15 -17.46
CA GLN B 259 36.37 -9.57 -17.17
C GLN B 259 37.28 -10.43 -18.01
N ALA B 260 37.38 -10.14 -19.30
CA ALA B 260 38.31 -10.87 -20.17
C ALA B 260 39.73 -10.78 -19.62
N GLU B 261 40.14 -9.58 -19.19
CA GLU B 261 41.45 -9.42 -18.58
C GLU B 261 41.60 -10.33 -17.34
N GLU B 262 40.56 -10.40 -16.50
CA GLU B 262 40.60 -11.28 -15.34
C GLU B 262 40.68 -12.74 -15.74
N GLN B 263 40.12 -13.10 -16.90
CA GLN B 263 40.13 -14.46 -17.39
C GLN B 263 41.30 -14.74 -18.34
N GLN B 264 42.20 -13.79 -18.51
CA GLN B 264 43.36 -13.93 -19.40
C GLN B 264 42.92 -14.27 -20.82
N LYS B 265 41.79 -13.71 -21.25
CA LYS B 265 41.37 -13.75 -22.64
C LYS B 265 41.81 -12.44 -23.27
N PHE B 266 43.09 -12.38 -23.63
CA PHE B 266 43.67 -11.09 -24.00
C PHE B 266 43.26 -10.63 -25.39
N GLY B 267 42.77 -11.53 -26.23
CA GLY B 267 42.23 -11.13 -27.52
C GLY B 267 40.84 -10.55 -27.38
N GLU B 268 39.99 -11.20 -26.58
CA GLU B 268 38.68 -10.64 -26.27
C GLU B 268 38.81 -9.28 -25.58
N ARG B 269 39.79 -9.15 -24.70
CA ARG B 269 40.06 -7.90 -24.00
C ARG B 269 40.23 -6.73 -24.98
N VAL B 270 41.04 -6.94 -26.03
CA VAL B 270 41.21 -5.90 -27.05
C VAL B 270 39.88 -5.62 -27.73
N ALA B 271 39.15 -6.67 -28.10
CA ALA B 271 37.89 -6.47 -28.82
C ALA B 271 36.91 -5.65 -27.99
N TYR B 272 36.78 -5.99 -26.71
CA TYR B 272 35.83 -5.28 -25.85
C TYR B 272 36.26 -3.83 -25.65
N PHE B 273 37.54 -3.60 -25.37
CA PHE B 273 38.02 -2.24 -25.22
C PHE B 273 37.88 -1.46 -26.53
N GLN B 274 38.07 -2.14 -27.67
CA GLN B 274 37.93 -1.45 -28.94
C GLN B 274 36.48 -1.04 -29.16
N SER B 275 35.55 -1.96 -28.93
CA SER B 275 34.13 -1.67 -29.07
C SER B 275 33.71 -0.57 -28.10
N ALA B 276 34.19 -0.62 -26.86
CA ALA B 276 33.88 0.43 -25.89
C ALA B 276 34.36 1.79 -26.40
N LEU B 277 35.58 1.84 -26.95
CA LEU B 277 36.08 3.10 -27.47
C LEU B 277 35.24 3.58 -28.65
N ASP B 278 34.81 2.66 -29.51
CA ASP B 278 33.92 3.03 -30.61
C ASP B 278 32.61 3.60 -30.09
N LYS B 279 32.03 2.97 -29.07
CA LYS B 279 30.77 3.46 -28.53
C LYS B 279 30.96 4.81 -27.86
N LEU B 280 32.05 4.98 -27.10
CA LEU B 280 32.29 6.27 -26.48
C LEU B 280 32.48 7.36 -27.54
N ASN B 281 33.17 7.05 -28.64
CA ASN B 281 33.34 8.05 -29.69
C ASN B 281 32.00 8.50 -30.23
N GLU B 282 31.04 7.58 -30.37
CA GLU B 282 29.72 7.98 -30.83
C GLU B 282 29.02 8.86 -29.78
N ALA B 283 29.19 8.56 -28.50
CA ALA B 283 28.60 9.39 -27.45
C ALA B 283 29.19 10.79 -27.49
N ILE B 284 30.50 10.90 -27.72
CA ILE B 284 31.14 12.20 -27.80
C ILE B 284 30.57 13.00 -28.96
N LYS B 285 30.41 12.36 -30.12
CA LYS B 285 29.76 13.01 -31.25
C LYS B 285 28.37 13.50 -30.86
N LEU B 286 27.59 12.63 -30.21
CA LEU B 286 26.23 12.99 -29.82
C LEU B 286 26.20 14.04 -28.72
N ALA B 287 27.30 14.24 -28.00
CA ALA B 287 27.36 15.19 -26.90
C ALA B 287 27.70 16.59 -27.36
N LYS B 288 27.87 16.81 -28.65
CA LYS B 288 28.17 18.14 -29.18
C LYS B 288 27.13 19.14 -28.69
N GLY B 289 27.58 20.17 -28.01
CA GLY B 289 26.70 21.21 -27.51
C GLY B 289 26.16 20.97 -26.11
N GLN B 290 26.45 19.82 -25.51
CA GLN B 290 25.98 19.52 -24.17
C GLN B 290 26.82 20.26 -23.13
N PRO B 291 26.27 20.43 -21.92
CA PRO B 291 26.99 21.19 -20.87
C PRO B 291 28.30 20.53 -20.47
N ASP B 292 29.11 21.32 -19.76
CA ASP B 292 30.42 20.84 -19.31
C ASP B 292 30.30 19.66 -18.37
N THR B 293 29.16 19.50 -17.69
CA THR B 293 28.96 18.31 -16.87
C THR B 293 29.04 17.04 -17.70
N VAL B 294 28.46 17.08 -18.91
CA VAL B 294 28.50 15.93 -19.80
C VAL B 294 29.92 15.77 -20.36
N GLN B 295 30.53 16.87 -20.80
CA GLN B 295 31.86 16.77 -21.41
C GLN B 295 32.89 16.26 -20.41
N ASP B 296 32.77 16.66 -19.14
CA ASP B 296 33.72 16.21 -18.13
C ASP B 296 33.61 14.71 -17.89
N ALA B 297 32.39 14.18 -17.93
CA ALA B 297 32.21 12.74 -17.78
C ALA B 297 32.82 11.99 -18.96
N LEU B 298 32.62 12.51 -20.18
CA LEU B 298 33.14 11.84 -21.36
C LEU B 298 34.67 11.92 -21.41
N ARG B 299 35.25 13.08 -21.12
CA ARG B 299 36.70 13.22 -21.07
C ARG B 299 37.31 12.20 -20.11
N PHE B 300 36.86 12.21 -18.86
CA PHE B 300 37.33 11.24 -17.87
C PHE B 300 37.25 9.82 -18.43
N THR B 301 36.09 9.44 -18.95
CA THR B 301 35.93 8.07 -19.43
C THR B 301 36.79 7.79 -20.65
N MET B 302 36.97 8.78 -21.54
CA MET B 302 37.87 8.61 -22.67
C MET B 302 39.29 8.30 -22.20
N ASP B 303 39.77 9.01 -21.19
CA ASP B 303 41.09 8.72 -20.65
C ASP B 303 41.16 7.27 -20.16
N VAL B 304 40.14 6.83 -19.43
CA VAL B 304 40.14 5.48 -18.90
C VAL B 304 40.17 4.47 -20.05
N ILE B 305 39.16 4.51 -20.92
CA ILE B 305 39.04 3.49 -21.95
C ILE B 305 40.18 3.59 -22.94
N GLY B 306 40.54 4.81 -23.35
CA GLY B 306 41.66 4.98 -24.28
C GLY B 306 42.95 4.40 -23.74
N GLY B 307 43.22 4.62 -22.45
CA GLY B 307 44.41 4.04 -21.85
C GLY B 307 44.39 2.53 -21.85
N LYS B 308 43.25 1.95 -21.47
CA LYS B 308 43.16 0.49 -21.38
C LYS B 308 43.23 -0.17 -22.75
N TYR B 309 42.59 0.44 -23.76
CA TYR B 309 42.72 -0.08 -25.12
C TYR B 309 44.18 -0.14 -25.53
N ASN B 310 44.92 0.95 -25.34
CA ASN B 310 46.30 0.99 -25.80
C ASN B 310 47.15 -0.07 -25.11
N SER B 311 46.98 -0.26 -23.80
CA SER B 311 47.80 -1.22 -23.09
C SER B 311 47.41 -2.65 -23.47
N ALA B 312 46.11 -2.89 -23.66
CA ALA B 312 45.65 -4.20 -24.08
C ALA B 312 46.12 -4.53 -25.50
N LYS B 313 46.08 -3.55 -26.40
CA LYS B 313 46.55 -3.79 -27.76
C LYS B 313 48.06 -4.03 -27.78
N LYS B 314 48.80 -3.26 -27.01
CA LYS B 314 50.24 -3.43 -26.94
C LYS B 314 50.61 -4.81 -26.40
N ASP B 315 49.95 -5.24 -25.34
CA ASP B 315 50.23 -6.56 -24.78
C ASP B 315 49.91 -7.66 -25.78
N ASN B 316 48.77 -7.55 -26.47
CA ASN B 316 48.40 -8.60 -27.41
C ASN B 316 49.29 -8.59 -28.65
N ASP B 317 49.69 -7.40 -29.11
CA ASP B 317 50.49 -7.30 -30.32
C ASP B 317 51.92 -7.79 -30.11
N PHE B 318 52.45 -7.66 -28.88
CA PHE B 318 53.85 -7.99 -28.60
C PHE B 318 54.04 -9.23 -27.74
N ILE B 319 52.99 -9.74 -27.08
CA ILE B 319 53.14 -10.93 -26.24
C ILE B 319 52.19 -12.03 -26.69
N TYR B 320 50.89 -11.82 -26.44
CA TYR B 320 49.95 -12.94 -26.48
C TYR B 320 49.57 -13.37 -27.89
N HIS B 321 49.56 -12.43 -28.84
CA HIS B 321 49.22 -12.74 -30.25
C HIS B 321 47.93 -13.54 -30.37
N GLU B 322 46.96 -13.23 -29.52
CA GLU B 322 45.69 -13.93 -29.58
C GLU B 322 44.77 -13.25 -30.58
N ALA B 323 43.98 -14.05 -31.29
CA ALA B 323 43.05 -13.51 -32.26
C ALA B 323 42.08 -12.55 -31.57
N VAL B 324 41.80 -11.44 -32.24
CA VAL B 324 40.87 -10.43 -31.74
C VAL B 324 39.51 -10.74 -32.36
N PRO B 325 38.57 -11.33 -31.61
CA PRO B 325 37.29 -11.70 -32.23
C PRO B 325 36.52 -10.49 -32.71
N ALA B 326 35.69 -10.71 -33.73
CA ALA B 326 34.85 -9.65 -34.26
C ALA B 326 33.61 -9.47 -33.39
N LEU B 327 33.13 -8.23 -33.34
CA LEU B 327 31.93 -7.90 -32.58
C LEU B 327 30.80 -8.89 -32.87
N GLN B 331 29.34 -13.14 -26.82
CA GLN B 331 27.91 -12.95 -26.56
C GLN B 331 27.63 -11.53 -26.08
N PRO B 332 26.38 -11.10 -26.18
CA PRO B 332 25.99 -9.78 -25.69
C PRO B 332 25.75 -9.79 -24.18
N VAL B 333 25.67 -8.59 -23.61
CA VAL B 333 25.54 -8.42 -22.17
C VAL B 333 24.05 -8.38 -21.83
N LYS B 334 23.65 -9.23 -20.89
CA LYS B 334 22.26 -9.30 -20.46
C LYS B 334 22.01 -8.30 -19.34
N GLY B 335 21.03 -7.42 -19.53
CA GLY B 335 20.75 -6.42 -18.52
C GLY B 335 20.32 -7.06 -17.21
N ALA B 336 20.75 -6.45 -16.11
CA ALA B 336 20.35 -6.88 -14.77
C ALA B 336 19.46 -5.82 -14.12
N PRO B 337 18.14 -5.97 -14.18
CA PRO B 337 17.26 -5.01 -13.48
C PRO B 337 17.46 -5.03 -11.97
N LEU B 338 17.81 -3.87 -11.42
CA LEU B 338 17.96 -3.70 -9.97
C LEU B 338 16.99 -2.68 -9.40
N VAL B 339 16.10 -2.12 -10.21
CA VAL B 339 15.20 -1.08 -9.75
C VAL B 339 13.79 -1.46 -10.19
N LYS B 340 12.81 -0.85 -9.53
CA LYS B 340 11.42 -1.08 -9.87
C LYS B 340 10.62 0.16 -9.51
N PRO B 341 9.47 0.37 -10.15
CA PRO B 341 8.56 1.42 -9.67
C PRO B 341 8.11 1.08 -8.25
N LEU B 342 8.39 1.99 -7.31
CA LEU B 342 8.08 1.64 -5.94
C LEU B 342 6.59 1.82 -5.68
N PRO B 343 5.97 0.92 -4.91
CA PRO B 343 4.51 0.93 -4.80
C PRO B 343 3.99 2.23 -4.22
N VAL B 344 2.79 2.59 -4.65
CA VAL B 344 2.03 3.69 -4.07
C VAL B 344 0.79 3.08 -3.43
N ASN B 345 0.59 3.36 -2.14
CA ASN B 345 -0.67 3.08 -1.46
C ASN B 345 -1.30 4.42 -1.12
N PRO B 346 -2.23 4.92 -1.93
CA PRO B 346 -2.74 6.29 -1.70
C PRO B 346 -3.37 6.49 -0.33
N THR B 347 -3.95 5.45 0.28
CA THR B 347 -4.70 5.60 1.52
C THR B 347 -3.99 4.98 2.72
N ASP B 348 -2.67 4.97 2.72
CA ASP B 348 -1.90 4.48 3.86
C ASP B 348 -2.04 5.45 5.03
N PRO B 349 -2.69 5.08 6.15
CA PRO B 349 -2.84 6.04 7.26
C PRO B 349 -1.55 6.64 7.77
N ALA B 350 -0.42 5.95 7.54
CA ALA B 350 0.86 6.52 7.94
C ALA B 350 1.18 7.80 7.20
N VAL B 351 0.71 7.93 5.95
CA VAL B 351 0.99 9.10 5.14
C VAL B 351 -0.20 10.06 5.17
N THR B 352 -1.43 9.52 5.25
CA THR B 352 -2.61 10.36 5.19
C THR B 352 -2.99 10.96 6.53
N GLY B 353 -2.59 10.32 7.63
CA GLY B 353 -3.11 10.67 8.91
C GLY B 353 -4.59 10.35 9.00
N PRO B 354 -5.25 10.85 10.04
CA PRO B 354 -6.69 10.57 10.18
C PRO B 354 -7.50 11.13 9.02
N ASP B 355 -8.50 10.34 8.60
CA ASP B 355 -9.48 10.78 7.62
C ASP B 355 -10.12 12.09 8.06
N ILE B 356 -9.78 13.21 7.40
CA ILE B 356 -10.33 14.51 7.77
C ILE B 356 -11.85 14.44 7.91
N PHE B 357 -12.50 13.60 7.12
CA PHE B 357 -13.96 13.54 7.09
C PHE B 357 -14.51 12.27 7.74
N ALA B 358 -13.84 11.78 8.78
CA ALA B 358 -14.30 10.58 9.46
C ALA B 358 -15.73 10.76 9.97
N LYS B 359 -16.03 11.94 10.52
CA LYS B 359 -17.35 12.20 11.09
C LYS B 359 -18.44 12.26 10.04
N LEU B 360 -18.10 12.33 8.75
CA LEU B 360 -19.10 12.52 7.71
C LEU B 360 -19.68 11.17 7.30
N VAL B 361 -20.78 10.80 7.94
CA VAL B 361 -21.58 9.67 7.50
C VAL B 361 -23.03 9.94 7.85
#